data_9CB6
#
_entry.id   9CB6
#
_cell.length_a   60.101
_cell.length_b   149.543
_cell.length_c   73.564
_cell.angle_alpha   90.000
_cell.angle_beta   101.240
_cell.angle_gamma   90.000
#
_symmetry.space_group_name_H-M   'P 1 21 1'
#
loop_
_entity.id
_entity.type
_entity.pdbx_description
1 polymer 'Response regulator receiver protein'
2 water water
#
_entity_poly.entity_id   1
_entity_poly.type   'polypeptide(L)'
_entity_poly.pdbx_seq_one_letter_code
;GEFMPQTFADAVAASLPHLRRYARALTGEQRTGDAIAARTLEGLIADPSVLERDLEPRLMLFRAFHRTWRREGAPVGEAD
SHLAQRAQSHLARLTPNTREALLLHAIEGFTAQEIGAVMEVPPETAADFIDTALREMAESVAGRVMIIEDEAIIAMDIAA
IVREMGHRVTGIARTRFEAVRLAREERPDLILADIQLADNSSGIDAVNEILAEFADLPVIFITAFPERLLTGERPEPAFL
ITKPYREEQVRSAVSQAMFFASTETLAA
;
_entity_poly.pdbx_strand_id   A,B,C,D
#
# COMPACT_ATOMS: atom_id res chain seq x y z
N GLN A 6 -40.36 -28.38 -16.75
CA GLN A 6 -40.20 -29.53 -17.63
C GLN A 6 -38.91 -30.29 -17.25
N THR A 7 -38.27 -29.83 -16.17
CA THR A 7 -36.94 -30.29 -15.76
C THR A 7 -35.90 -29.83 -16.78
N PHE A 8 -36.29 -29.82 -18.05
CA PHE A 8 -35.49 -29.16 -19.08
C PHE A 8 -35.64 -27.65 -18.99
N ALA A 9 -36.88 -27.16 -19.03
CA ALA A 9 -37.12 -25.74 -18.86
C ALA A 9 -36.58 -25.24 -17.52
N ASP A 10 -36.51 -26.13 -16.53
CA ASP A 10 -35.84 -25.79 -15.29
C ASP A 10 -34.33 -25.84 -15.46
N ALA A 11 -33.83 -26.77 -16.28
CA ALA A 11 -32.39 -26.86 -16.51
C ALA A 11 -31.87 -25.64 -17.25
N VAL A 12 -32.73 -24.97 -18.01
CA VAL A 12 -32.30 -23.76 -18.71
C VAL A 12 -32.21 -22.60 -17.72
N ALA A 13 -33.20 -22.47 -16.82
CA ALA A 13 -33.11 -21.44 -15.79
C ALA A 13 -32.00 -21.70 -14.79
N ALA A 14 -31.56 -22.96 -14.65
CA ALA A 14 -30.46 -23.28 -13.76
C ALA A 14 -29.12 -22.82 -14.32
N SER A 15 -29.04 -22.52 -15.62
CA SER A 15 -27.83 -21.99 -16.24
C SER A 15 -27.85 -20.48 -16.35
N LEU A 16 -28.89 -19.83 -15.83
CA LEU A 16 -28.96 -18.38 -15.87
C LEU A 16 -27.80 -17.68 -15.18
N PRO A 17 -27.30 -18.12 -14.00
CA PRO A 17 -26.11 -17.44 -13.44
C PRO A 17 -24.89 -17.56 -14.33
N HIS A 18 -24.74 -18.69 -15.03
CA HIS A 18 -23.64 -18.84 -15.97
C HIS A 18 -23.73 -17.83 -17.11
N LEU A 19 -24.96 -17.53 -17.55
CA LEU A 19 -25.12 -16.54 -18.61
C LEU A 19 -24.93 -15.12 -18.09
N ARG A 20 -25.32 -14.85 -16.84
CA ARG A 20 -25.07 -13.55 -16.25
C ARG A 20 -23.58 -13.23 -16.24
N ARG A 21 -22.76 -14.19 -15.85
CA ARG A 21 -21.31 -14.00 -15.88
C ARG A 21 -20.82 -13.69 -17.28
N TYR A 22 -21.24 -14.48 -18.26
CA TYR A 22 -20.79 -14.28 -19.63
C TYR A 22 -21.28 -12.95 -20.19
N ALA A 23 -22.51 -12.55 -19.86
CA ALA A 23 -23.03 -11.29 -20.36
C ALA A 23 -22.40 -10.10 -19.65
N ARG A 24 -22.10 -10.24 -18.35
CA ARG A 24 -21.44 -9.17 -17.62
C ARG A 24 -20.05 -8.89 -18.20
N ALA A 25 -19.34 -9.94 -18.61
CA ALA A 25 -17.98 -9.75 -19.13
C ALA A 25 -17.99 -9.07 -20.48
N LEU A 26 -18.95 -9.43 -21.35
CA LEU A 26 -18.99 -8.85 -22.69
C LEU A 26 -19.42 -7.39 -22.66
N THR A 27 -20.18 -6.99 -21.65
CA THR A 27 -20.64 -5.61 -21.54
C THR A 27 -19.87 -4.78 -20.51
N GLY A 28 -19.11 -5.44 -19.63
CA GLY A 28 -18.33 -4.71 -18.65
C GLY A 28 -19.12 -4.10 -17.51
N GLU A 29 -20.42 -4.39 -17.41
CA GLU A 29 -21.26 -3.84 -16.36
C GLU A 29 -22.16 -4.93 -15.81
N GLN A 30 -22.43 -4.88 -14.51
CA GLN A 30 -23.39 -5.81 -13.92
C GLN A 30 -24.81 -5.52 -14.38
N ARG A 31 -25.23 -4.26 -14.25
CA ARG A 31 -26.59 -3.87 -14.62
C ARG A 31 -26.94 -4.31 -16.04
N THR A 32 -26.07 -3.98 -16.99
CA THR A 32 -26.36 -4.31 -18.39
C THR A 32 -26.31 -5.80 -18.64
N GLY A 33 -25.34 -6.49 -18.03
CA GLY A 33 -25.24 -7.93 -18.23
C GLY A 33 -26.43 -8.70 -17.70
N ASP A 34 -26.87 -8.34 -16.49
CA ASP A 34 -28.01 -9.03 -15.90
C ASP A 34 -29.30 -8.77 -16.68
N ALA A 35 -29.47 -7.55 -17.19
CA ALA A 35 -30.68 -7.21 -17.94
C ALA A 35 -30.78 -8.06 -19.20
N ILE A 36 -29.68 -8.19 -19.95
CA ILE A 36 -29.70 -8.97 -21.17
C ILE A 36 -29.86 -10.45 -20.85
N ALA A 37 -29.23 -10.92 -19.77
CA ALA A 37 -29.35 -12.33 -19.39
C ALA A 37 -30.79 -12.68 -19.01
N ALA A 38 -31.47 -11.76 -18.32
CA ALA A 38 -32.86 -12.01 -17.94
C ALA A 38 -33.77 -12.00 -19.16
N ARG A 39 -33.57 -11.05 -20.07
CA ARG A 39 -34.40 -10.97 -21.26
C ARG A 39 -34.22 -12.18 -22.17
N THR A 40 -33.03 -12.81 -22.12
CA THR A 40 -32.81 -14.02 -22.91
C THR A 40 -33.66 -15.18 -22.39
N LEU A 41 -33.73 -15.35 -21.07
CA LEU A 41 -34.56 -16.40 -20.50
C LEU A 41 -36.04 -16.11 -20.71
N GLU A 42 -36.44 -14.85 -20.55
CA GLU A 42 -37.83 -14.47 -20.80
C GLU A 42 -38.28 -14.87 -22.19
N GLY A 43 -37.46 -14.56 -23.20
CA GLY A 43 -37.82 -14.91 -24.57
C GLY A 43 -37.84 -16.41 -24.80
N LEU A 44 -36.93 -17.14 -24.16
CA LEU A 44 -36.93 -18.59 -24.28
C LEU A 44 -38.18 -19.20 -23.66
N ILE A 45 -38.61 -18.66 -22.51
CA ILE A 45 -39.83 -19.15 -21.87
C ILE A 45 -41.05 -18.80 -22.71
N ALA A 46 -41.14 -17.56 -23.18
CA ALA A 46 -42.28 -17.13 -23.97
C ALA A 46 -42.43 -17.91 -25.27
N ASP A 47 -41.35 -18.49 -25.77
CA ASP A 47 -41.42 -19.28 -27.00
C ASP A 47 -42.11 -20.61 -26.71
N PRO A 48 -43.16 -20.96 -27.45
CA PRO A 48 -43.76 -22.29 -27.27
C PRO A 48 -43.01 -23.39 -28.01
N SER A 49 -42.25 -24.19 -27.27
CA SER A 49 -41.55 -25.37 -27.80
C SER A 49 -40.70 -25.02 -29.01
N VAL A 50 -40.38 -26.04 -29.82
CA VAL A 50 -39.64 -25.89 -31.08
C VAL A 50 -38.19 -25.49 -30.79
N LEU A 51 -37.27 -25.93 -31.65
CA LEU A 51 -35.85 -25.60 -31.57
C LEU A 51 -35.19 -26.21 -30.32
N GLU A 52 -35.99 -26.85 -29.48
CA GLU A 52 -35.47 -27.60 -28.35
C GLU A 52 -34.97 -28.96 -28.84
N ARG A 53 -34.48 -29.78 -27.90
CA ARG A 53 -33.83 -31.06 -28.17
C ARG A 53 -32.61 -30.87 -29.07
N ASP A 54 -32.65 -29.86 -29.95
CA ASP A 54 -31.51 -29.45 -30.76
C ASP A 54 -30.22 -29.38 -29.95
N LEU A 55 -30.29 -28.75 -28.77
CA LEU A 55 -29.08 -28.49 -28.00
C LEU A 55 -29.31 -28.83 -26.53
N GLU A 56 -28.19 -29.01 -25.83
CA GLU A 56 -28.18 -29.18 -24.39
C GLU A 56 -28.66 -27.89 -23.72
N PRO A 57 -29.34 -27.99 -22.57
CA PRO A 57 -29.97 -26.79 -21.99
C PRO A 57 -29.06 -25.58 -21.87
N ARG A 58 -27.84 -25.76 -21.36
CA ARG A 58 -26.94 -24.62 -21.20
C ARG A 58 -26.58 -24.01 -22.54
N LEU A 59 -26.17 -24.83 -23.50
CA LEU A 59 -25.76 -24.32 -24.81
C LEU A 59 -26.90 -23.59 -25.50
N MET A 60 -28.13 -24.07 -25.32
CA MET A 60 -29.28 -23.44 -25.95
C MET A 60 -29.52 -22.04 -25.39
N LEU A 61 -29.34 -21.86 -24.09
CA LEU A 61 -29.48 -20.54 -23.49
C LEU A 61 -28.40 -19.60 -24.00
N PHE A 62 -27.15 -20.08 -24.09
CA PHE A 62 -26.07 -19.26 -24.64
C PHE A 62 -26.30 -18.98 -26.11
N ARG A 63 -26.82 -19.96 -26.85
CA ARG A 63 -27.14 -19.73 -28.26
C ARG A 63 -28.23 -18.67 -28.42
N ALA A 64 -29.25 -18.72 -27.54
CA ALA A 64 -30.29 -17.69 -27.58
C ALA A 64 -29.70 -16.32 -27.32
N PHE A 65 -28.73 -16.22 -26.41
CA PHE A 65 -28.05 -14.96 -26.16
C PHE A 65 -27.35 -14.45 -27.41
N HIS A 66 -26.61 -15.33 -28.09
CA HIS A 66 -25.81 -14.90 -29.23
C HIS A 66 -26.68 -14.43 -30.39
N ARG A 67 -27.84 -15.05 -30.58
CA ARG A 67 -28.74 -14.62 -31.64
C ARG A 67 -29.15 -13.16 -31.46
N THR A 68 -29.36 -12.75 -30.21
CA THR A 68 -29.66 -11.34 -29.93
C THR A 68 -28.40 -10.48 -29.91
N TRP A 69 -27.28 -11.05 -29.50
CA TRP A 69 -26.02 -10.30 -29.47
C TRP A 69 -25.60 -9.85 -30.87
N ARG A 70 -25.95 -10.64 -31.90
CA ARG A 70 -25.58 -10.28 -33.26
C ARG A 70 -26.43 -9.14 -33.81
N ARG A 71 -27.64 -8.97 -33.29
CA ARG A 71 -28.47 -7.84 -33.71
C ARG A 71 -27.91 -6.53 -33.18
N GLU A 72 -27.59 -6.48 -31.89
CA GLU A 72 -27.18 -5.25 -31.25
C GLU A 72 -26.38 -5.58 -29.99
N GLY A 73 -25.38 -4.75 -29.71
CA GLY A 73 -24.57 -4.92 -28.52
C GLY A 73 -25.22 -4.39 -27.25
N ALA A 74 -24.74 -3.23 -26.77
CA ALA A 74 -25.13 -2.61 -25.50
C ALA A 74 -25.55 -3.60 -24.42
N ALA A 92 -13.76 -2.54 -35.94
CA ALA A 92 -13.22 -1.72 -34.87
C ALA A 92 -11.91 -2.31 -34.36
N ARG A 93 -11.56 -1.91 -33.13
CA ARG A 93 -10.26 -2.29 -32.56
C ARG A 93 -10.10 -3.80 -32.49
N LEU A 94 -10.95 -4.46 -31.69
CA LEU A 94 -10.91 -5.92 -31.58
C LEU A 94 -11.80 -6.55 -32.63
N THR A 95 -11.32 -7.64 -33.22
CA THR A 95 -12.08 -8.31 -34.26
C THR A 95 -13.37 -8.89 -33.68
N PRO A 96 -14.52 -8.65 -34.29
CA PRO A 96 -15.78 -9.18 -33.75
C PRO A 96 -15.75 -10.71 -33.70
N ASN A 97 -16.56 -11.26 -32.79
CA ASN A 97 -16.78 -12.67 -32.53
C ASN A 97 -15.61 -13.31 -31.77
N THR A 98 -14.46 -12.64 -31.64
CA THR A 98 -13.28 -13.31 -31.09
C THR A 98 -13.29 -13.31 -29.57
N ARG A 99 -13.52 -12.15 -28.94
CA ARG A 99 -13.62 -12.11 -27.49
C ARG A 99 -14.75 -13.00 -26.98
N GLU A 100 -15.83 -13.11 -27.76
CA GLU A 100 -16.93 -13.98 -27.38
C GLU A 100 -16.49 -15.44 -27.32
N ALA A 101 -15.87 -15.94 -28.39
CA ALA A 101 -15.42 -17.33 -28.41
C ALA A 101 -14.37 -17.59 -27.35
N LEU A 102 -13.48 -16.61 -27.12
CA LEU A 102 -12.43 -16.78 -26.13
C LEU A 102 -13.01 -16.93 -24.74
N LEU A 103 -13.97 -16.08 -24.38
CA LEU A 103 -14.59 -16.16 -23.07
C LEU A 103 -15.32 -17.49 -22.90
N LEU A 104 -16.17 -17.85 -23.89
CA LEU A 104 -16.83 -19.15 -23.86
C LEU A 104 -15.84 -20.29 -23.62
N HIS A 105 -14.64 -20.16 -24.21
CA HIS A 105 -13.61 -21.17 -24.01
C HIS A 105 -12.99 -21.08 -22.62
N ALA A 106 -12.85 -19.86 -22.10
CA ALA A 106 -12.06 -19.67 -20.88
C ALA A 106 -12.91 -19.89 -19.63
N ILE A 107 -14.08 -19.28 -19.55
CA ILE A 107 -14.86 -19.35 -18.32
C ILE A 107 -15.83 -20.53 -18.32
N GLU A 108 -16.36 -20.92 -19.47
CA GLU A 108 -17.30 -22.04 -19.55
C GLU A 108 -16.64 -23.36 -19.95
N GLY A 109 -15.40 -23.33 -20.41
CA GLY A 109 -14.72 -24.55 -20.81
C GLY A 109 -15.25 -25.21 -22.06
N PHE A 110 -16.06 -24.50 -22.84
CA PHE A 110 -16.64 -25.09 -24.05
C PHE A 110 -15.54 -25.42 -25.05
N THR A 111 -15.76 -26.51 -25.80
CA THR A 111 -14.86 -26.89 -26.88
C THR A 111 -15.17 -26.06 -28.12
N ALA A 112 -14.37 -26.24 -29.17
CA ALA A 112 -14.64 -25.58 -30.43
C ALA A 112 -15.95 -26.06 -31.06
N GLN A 113 -16.34 -27.30 -30.75
CA GLN A 113 -17.58 -27.84 -31.32
C GLN A 113 -18.82 -27.29 -30.61
N GLU A 114 -18.76 -27.15 -29.28
CA GLU A 114 -19.88 -26.56 -28.56
C GLU A 114 -19.92 -25.05 -28.76
N ILE A 115 -18.74 -24.44 -28.83
CA ILE A 115 -18.64 -23.03 -29.15
C ILE A 115 -19.17 -22.75 -30.55
N GLY A 116 -18.93 -23.67 -31.49
CA GLY A 116 -19.52 -23.54 -32.81
C GLY A 116 -21.03 -23.67 -32.83
N ALA A 117 -21.58 -24.52 -31.95
CA ALA A 117 -23.03 -24.66 -31.87
C ALA A 117 -23.68 -23.42 -31.26
N VAL A 118 -23.03 -22.82 -30.26
CA VAL A 118 -23.60 -21.64 -29.60
C VAL A 118 -23.64 -20.46 -30.56
N MET A 119 -22.52 -20.19 -31.23
CA MET A 119 -22.44 -19.07 -32.18
C MET A 119 -22.85 -19.46 -33.59
N GLU A 120 -23.26 -20.71 -33.81
CA GLU A 120 -23.81 -21.15 -35.09
C GLU A 120 -22.79 -21.00 -36.22
N VAL A 121 -21.56 -21.42 -35.95
CA VAL A 121 -20.49 -21.45 -36.95
C VAL A 121 -19.84 -22.83 -36.90
N PRO A 122 -19.09 -23.20 -37.94
CA PRO A 122 -18.38 -24.48 -37.90
C PRO A 122 -17.36 -24.50 -36.77
N PRO A 123 -16.99 -25.69 -36.29
CA PRO A 123 -15.99 -25.76 -35.21
C PRO A 123 -14.64 -25.21 -35.61
N GLU A 124 -14.24 -25.36 -36.87
CA GLU A 124 -12.97 -24.81 -37.32
C GLU A 124 -13.01 -23.28 -37.29
N THR A 125 -14.15 -22.69 -37.64
CA THR A 125 -14.29 -21.24 -37.60
C THR A 125 -14.24 -20.73 -36.16
N ALA A 126 -14.86 -21.47 -35.23
CA ALA A 126 -14.78 -21.11 -33.81
C ALA A 126 -13.34 -21.13 -33.31
N ALA A 127 -12.53 -22.06 -33.82
CA ALA A 127 -11.12 -22.07 -33.44
C ALA A 127 -10.39 -20.85 -33.98
N ASP A 128 -10.76 -20.40 -35.18
CA ASP A 128 -10.16 -19.18 -35.73
C ASP A 128 -10.50 -17.97 -34.86
N PHE A 129 -11.71 -17.95 -34.28
CA PHE A 129 -12.07 -16.88 -33.36
C PHE A 129 -11.17 -16.86 -32.14
N ILE A 130 -10.91 -18.04 -31.56
CA ILE A 130 -10.07 -18.12 -30.37
C ILE A 130 -8.63 -17.75 -30.70
N ASP A 131 -8.14 -18.18 -31.85
CA ASP A 131 -6.76 -17.89 -32.24
C ASP A 131 -6.58 -16.39 -32.48
N THR A 132 -7.50 -15.76 -33.20
CA THR A 132 -7.41 -14.33 -33.43
C THR A 132 -7.53 -13.55 -32.12
N ALA A 133 -8.38 -14.02 -31.20
CA ALA A 133 -8.48 -13.38 -29.90
C ALA A 133 -7.17 -13.46 -29.14
N LEU A 134 -6.51 -14.63 -29.16
CA LEU A 134 -5.24 -14.79 -28.46
C LEU A 134 -4.13 -14.01 -29.12
N ARG A 135 -4.23 -13.76 -30.43
CA ARG A 135 -3.21 -13.00 -31.13
C ARG A 135 -3.33 -11.51 -30.86
N GLU A 136 -4.55 -11.00 -30.71
CA GLU A 136 -4.74 -9.59 -30.38
C GLU A 136 -4.43 -9.31 -28.91
N MET A 137 -4.54 -10.32 -28.05
CA MET A 137 -4.11 -10.16 -26.66
C MET A 137 -2.61 -9.92 -26.56
N ALA A 138 -1.83 -10.54 -27.47
CA ALA A 138 -0.40 -10.28 -27.50
C ALA A 138 -0.07 -8.86 -27.93
N GLU A 139 -0.99 -8.18 -28.61
CA GLU A 139 -0.78 -6.83 -29.10
C GLU A 139 -1.35 -5.78 -28.15
N SER A 140 -1.89 -6.17 -27.00
CA SER A 140 -2.57 -5.24 -26.12
C SER A 140 -1.58 -4.25 -25.50
N VAL A 141 -2.09 -3.06 -25.21
CA VAL A 141 -1.29 -1.99 -24.62
C VAL A 141 -1.17 -2.22 -23.12
N ALA A 142 -0.05 -1.80 -22.55
CA ALA A 142 0.22 -2.06 -21.14
C ALA A 142 -0.69 -1.23 -20.24
N GLY A 143 -0.97 -1.77 -19.05
CA GLY A 143 -1.79 -1.10 -18.05
C GLY A 143 -1.28 -1.45 -16.68
N ARG A 144 -1.92 -0.88 -15.66
CA ARG A 144 -1.48 -1.01 -14.27
C ARG A 144 -2.54 -1.77 -13.47
N VAL A 145 -2.09 -2.78 -12.72
CA VAL A 145 -2.95 -3.64 -11.93
C VAL A 145 -2.50 -3.64 -10.48
N MET A 146 -3.46 -3.61 -9.57
CA MET A 146 -3.19 -3.84 -8.15
C MET A 146 -3.92 -5.11 -7.71
N ILE A 147 -3.23 -5.93 -6.92
CA ILE A 147 -3.77 -7.18 -6.43
C ILE A 147 -4.07 -7.04 -4.94
N ILE A 148 -5.26 -7.48 -4.54
CA ILE A 148 -5.62 -7.63 -3.14
C ILE A 148 -5.63 -9.12 -2.85
N GLU A 149 -4.69 -9.59 -2.04
CA GLU A 149 -4.50 -11.02 -1.84
C GLU A 149 -3.75 -11.25 -0.53
N ASP A 150 -4.24 -12.19 0.26
CA ASP A 150 -3.63 -12.52 1.55
C ASP A 150 -2.57 -13.62 1.41
N GLU A 151 -2.92 -14.74 0.81
CA GLU A 151 -1.96 -15.81 0.60
C GLU A 151 -0.85 -15.35 -0.33
N ALA A 152 0.38 -15.30 0.20
CA ALA A 152 1.49 -14.73 -0.55
C ALA A 152 1.77 -15.52 -1.83
N ILE A 153 1.75 -16.85 -1.75
CA ILE A 153 2.12 -17.69 -2.89
C ILE A 153 1.16 -17.48 -4.05
N ILE A 154 -0.11 -17.22 -3.76
CA ILE A 154 -1.07 -16.92 -4.83
C ILE A 154 -0.78 -15.55 -5.43
N ALA A 155 -0.56 -14.55 -4.57
CA ALA A 155 -0.31 -13.19 -5.05
C ALA A 155 0.89 -13.15 -6.00
N MET A 156 1.93 -13.93 -5.72
CA MET A 156 3.13 -13.91 -6.54
C MET A 156 2.93 -14.65 -7.86
N ASP A 157 2.10 -15.71 -7.86
CA ASP A 157 1.80 -16.38 -9.12
C ASP A 157 0.89 -15.53 -9.99
N ILE A 158 -0.14 -14.91 -9.40
CA ILE A 158 -1.01 -14.01 -10.16
C ILE A 158 -0.22 -12.85 -10.74
N ALA A 159 0.67 -12.26 -9.93
CA ALA A 159 1.46 -11.12 -10.40
C ALA A 159 2.36 -11.53 -11.56
N ALA A 160 2.98 -12.71 -11.47
CA ALA A 160 3.86 -13.16 -12.54
C ALA A 160 3.11 -13.29 -13.87
N ILE A 161 1.86 -13.73 -13.82
CA ILE A 161 1.06 -13.83 -15.04
C ILE A 161 0.77 -12.44 -15.60
N VAL A 162 0.37 -11.52 -14.73
CA VAL A 162 0.03 -10.16 -15.18
C VAL A 162 1.24 -9.46 -15.77
N ARG A 163 2.44 -9.80 -15.29
CA ARG A 163 3.65 -9.19 -15.84
C ARG A 163 4.02 -9.81 -17.19
N GLU A 164 3.94 -11.14 -17.30
CA GLU A 164 4.18 -11.77 -18.59
C GLU A 164 3.18 -11.29 -19.63
N MET A 165 1.99 -10.86 -19.19
CA MET A 165 1.01 -10.26 -20.09
C MET A 165 1.47 -8.92 -20.64
N GLY A 166 2.45 -8.30 -20.00
CA GLY A 166 2.90 -6.97 -20.38
C GLY A 166 2.38 -5.84 -19.52
N HIS A 167 1.58 -6.16 -18.51
CA HIS A 167 1.04 -5.16 -17.60
C HIS A 167 1.93 -5.02 -16.37
N ARG A 168 1.77 -3.90 -15.67
CA ARG A 168 2.57 -3.59 -14.50
C ARG A 168 1.75 -3.79 -13.24
N VAL A 169 2.33 -4.48 -12.26
CA VAL A 169 1.69 -4.69 -10.96
C VAL A 169 2.04 -3.52 -10.07
N THR A 170 1.04 -2.71 -9.73
CA THR A 170 1.26 -1.58 -8.83
C THR A 170 1.77 -2.05 -7.47
N GLY A 171 1.04 -2.96 -6.84
CA GLY A 171 1.44 -3.50 -5.56
C GLY A 171 0.51 -4.61 -5.15
N ILE A 172 0.83 -5.23 -4.02
CA ILE A 172 0.04 -6.32 -3.48
C ILE A 172 -0.43 -5.89 -2.10
N ALA A 173 -1.67 -5.42 -2.02
CA ALA A 173 -2.30 -5.10 -0.75
C ALA A 173 -2.78 -6.39 -0.10
N ARG A 174 -2.27 -6.67 1.11
CA ARG A 174 -2.62 -7.89 1.80
C ARG A 174 -3.96 -7.81 2.53
N THR A 175 -4.50 -6.60 2.71
CA THR A 175 -5.83 -6.40 3.25
C THR A 175 -6.54 -5.35 2.40
N ARG A 176 -7.88 -5.34 2.49
CA ARG A 176 -8.62 -4.26 1.84
C ARG A 176 -8.41 -2.94 2.56
N PHE A 177 -7.93 -2.98 3.80
CA PHE A 177 -7.45 -1.77 4.47
C PHE A 177 -6.25 -1.18 3.72
N GLU A 178 -5.29 -2.04 3.38
CA GLU A 178 -4.10 -1.58 2.66
C GLU A 178 -4.45 -1.04 1.27
N ALA A 179 -5.49 -1.58 0.65
CA ALA A 179 -5.78 -1.26 -0.75
C ALA A 179 -5.97 0.23 -0.97
N VAL A 180 -6.67 0.90 -0.05
CA VAL A 180 -6.89 2.33 -0.22
C VAL A 180 -5.58 3.11 -0.13
N ARG A 181 -4.63 2.61 0.66
CA ARG A 181 -3.31 3.23 0.70
C ARG A 181 -2.62 3.11 -0.66
N LEU A 182 -2.44 1.87 -1.13
CA LEU A 182 -1.70 1.64 -2.37
C LEU A 182 -2.41 2.27 -3.56
N ALA A 183 -3.73 2.44 -3.50
CA ALA A 183 -4.43 3.10 -4.60
C ALA A 183 -4.13 4.59 -4.64
N ARG A 184 -3.84 5.18 -3.47
CA ARG A 184 -3.49 6.60 -3.44
C ARG A 184 -2.09 6.85 -4.00
N GLU A 185 -1.15 5.95 -3.67
CA GLU A 185 0.24 6.14 -4.10
C GLU A 185 0.37 5.99 -5.61
N GLU A 186 -0.21 4.92 -6.17
CA GLU A 186 -0.30 4.75 -7.62
C GLU A 186 -1.69 4.20 -7.93
N ARG A 187 -2.53 5.04 -8.53
CA ARG A 187 -3.89 4.64 -8.90
C ARG A 187 -3.86 3.67 -10.06
N PRO A 188 -4.21 2.40 -9.88
CA PRO A 188 -4.17 1.46 -11.01
C PRO A 188 -5.35 1.66 -11.94
N ASP A 189 -5.39 0.89 -13.03
CA ASP A 189 -6.53 0.84 -13.92
C ASP A 189 -7.33 -0.43 -13.76
N LEU A 190 -7.01 -1.24 -12.75
CA LEU A 190 -7.58 -2.57 -12.60
C LEU A 190 -7.28 -3.10 -11.20
N ILE A 191 -8.27 -3.76 -10.60
CA ILE A 191 -8.14 -4.35 -9.27
C ILE A 191 -8.40 -5.84 -9.38
N LEU A 192 -7.48 -6.65 -8.86
CA LEU A 192 -7.66 -8.09 -8.69
C LEU A 192 -7.82 -8.36 -7.20
N ALA A 193 -8.96 -8.93 -6.82
CA ALA A 193 -9.31 -9.06 -5.41
C ALA A 193 -9.66 -10.51 -5.08
N ASP A 194 -9.09 -11.01 -3.99
CA ASP A 194 -9.43 -12.31 -3.43
C ASP A 194 -9.51 -12.12 -1.92
N ILE A 195 -10.72 -12.09 -1.38
CA ILE A 195 -10.93 -11.85 0.04
C ILE A 195 -11.18 -13.15 0.79
N GLN A 196 -10.77 -14.29 0.24
CA GLN A 196 -10.88 -15.59 0.88
C GLN A 196 -12.32 -15.88 1.30
N LEU A 197 -13.24 -15.60 0.37
CA LEU A 197 -14.67 -15.78 0.60
C LEU A 197 -15.01 -17.27 0.58
N ALA A 198 -16.21 -17.58 1.09
CA ALA A 198 -16.61 -18.97 1.25
C ALA A 198 -18.08 -19.13 0.85
N ASP A 199 -18.61 -20.33 1.05
CA ASP A 199 -19.99 -20.67 0.70
C ASP A 199 -20.95 -20.39 1.86
N ASN A 200 -20.90 -19.17 2.39
CA ASN A 200 -21.54 -18.88 3.67
C ASN A 200 -22.56 -17.75 3.65
N SER A 201 -22.30 -16.68 2.89
CA SER A 201 -22.99 -15.37 2.93
C SER A 201 -22.43 -14.48 4.04
N SER A 202 -21.28 -14.81 4.61
CA SER A 202 -20.70 -13.96 5.64
C SER A 202 -19.93 -12.80 5.02
N GLY A 203 -19.06 -13.09 4.06
CA GLY A 203 -18.29 -12.05 3.40
C GLY A 203 -19.04 -11.38 2.27
N ILE A 204 -20.30 -11.02 2.53
CA ILE A 204 -21.12 -10.34 1.53
C ILE A 204 -20.90 -8.83 1.57
N ASP A 205 -20.74 -8.26 2.77
CA ASP A 205 -20.47 -6.84 2.89
C ASP A 205 -19.03 -6.49 2.49
N ALA A 206 -18.13 -7.48 2.50
CA ALA A 206 -16.76 -7.22 2.07
C ALA A 206 -16.69 -6.98 0.57
N VAL A 207 -17.49 -7.73 -0.20
CA VAL A 207 -17.53 -7.54 -1.64
C VAL A 207 -18.14 -6.17 -1.98
N ASN A 208 -19.22 -5.81 -1.30
CA ASN A 208 -19.86 -4.52 -1.56
C ASN A 208 -18.94 -3.36 -1.27
N GLU A 209 -18.11 -3.49 -0.23
CA GLU A 209 -17.18 -2.43 0.14
C GLU A 209 -16.13 -2.21 -0.96
N ILE A 210 -15.50 -3.29 -1.41
CA ILE A 210 -14.45 -3.17 -2.42
C ILE A 210 -15.02 -2.70 -3.75
N LEU A 211 -16.26 -3.10 -4.07
CA LEU A 211 -16.90 -2.62 -5.29
C LEU A 211 -17.21 -1.13 -5.20
N ALA A 212 -17.61 -0.66 -4.01
CA ALA A 212 -17.95 0.74 -3.84
C ALA A 212 -16.70 1.63 -3.83
N GLU A 213 -15.63 1.15 -3.20
CA GLU A 213 -14.39 1.91 -3.15
C GLU A 213 -13.86 2.21 -4.54
N PHE A 214 -13.65 1.16 -5.34
CA PHE A 214 -13.07 1.27 -6.67
C PHE A 214 -14.14 1.24 -7.75
N ALA A 215 -15.21 2.01 -7.57
CA ALA A 215 -16.37 1.91 -8.47
C ALA A 215 -16.05 2.40 -9.87
N ASP A 216 -15.09 3.32 -10.01
CA ASP A 216 -14.71 3.81 -11.33
C ASP A 216 -13.68 2.93 -12.01
N LEU A 217 -13.24 1.86 -11.35
CA LEU A 217 -12.27 0.92 -11.90
C LEU A 217 -12.94 -0.42 -12.18
N PRO A 218 -12.48 -1.15 -13.20
CA PRO A 218 -12.88 -2.55 -13.35
C PRO A 218 -12.29 -3.38 -12.23
N VAL A 219 -13.12 -4.22 -11.61
CA VAL A 219 -12.72 -5.01 -10.46
C VAL A 219 -13.00 -6.48 -10.77
N ILE A 220 -11.93 -7.29 -10.80
CA ILE A 220 -12.03 -8.73 -10.96
C ILE A 220 -11.94 -9.37 -9.59
N PHE A 221 -12.81 -10.35 -9.33
CA PHE A 221 -12.86 -11.04 -8.05
C PHE A 221 -12.47 -12.50 -8.25
N ILE A 222 -11.44 -12.93 -7.54
CA ILE A 222 -11.09 -14.35 -7.48
C ILE A 222 -11.97 -15.02 -6.44
N THR A 223 -12.63 -16.11 -6.82
CA THR A 223 -13.54 -16.80 -5.91
C THR A 223 -13.68 -18.24 -6.34
N ALA A 224 -13.86 -19.12 -5.35
CA ALA A 224 -14.12 -20.53 -5.60
C ALA A 224 -15.62 -20.85 -5.63
N PHE A 225 -16.47 -19.84 -5.46
CA PHE A 225 -17.92 -20.01 -5.47
C PHE A 225 -18.53 -18.90 -6.30
N PRO A 226 -18.34 -18.93 -7.64
CA PRO A 226 -18.81 -17.82 -8.47
C PRO A 226 -20.31 -17.65 -8.46
N GLU A 227 -21.07 -18.75 -8.33
CA GLU A 227 -22.53 -18.66 -8.34
C GLU A 227 -23.06 -17.73 -7.27
N ARG A 228 -22.35 -17.62 -6.14
CA ARG A 228 -22.80 -16.76 -5.05
C ARG A 228 -22.77 -15.29 -5.45
N LEU A 229 -21.88 -14.91 -6.36
CA LEU A 229 -21.78 -13.54 -6.85
C LEU A 229 -22.51 -13.35 -8.18
N LEU A 230 -23.40 -14.28 -8.54
CA LEU A 230 -24.12 -14.23 -9.80
C LEU A 230 -25.63 -14.27 -9.57
N THR A 231 -26.09 -13.82 -8.41
CA THR A 231 -27.51 -13.64 -8.13
C THR A 231 -27.81 -12.15 -8.31
N GLY A 232 -28.50 -11.81 -9.40
CA GLY A 232 -28.75 -10.41 -9.72
C GLY A 232 -29.54 -9.64 -8.69
N GLU A 233 -29.21 -9.85 -7.41
CA GLU A 233 -29.93 -9.27 -6.28
C GLU A 233 -29.16 -8.13 -5.61
N ARG A 234 -27.86 -8.28 -5.46
CA ARG A 234 -26.99 -7.31 -4.82
C ARG A 234 -26.02 -6.72 -5.82
N PRO A 235 -25.34 -5.63 -5.47
CA PRO A 235 -24.23 -5.16 -6.32
C PRO A 235 -23.12 -6.20 -6.35
N GLU A 236 -22.75 -6.60 -7.57
CA GLU A 236 -21.85 -7.72 -7.77
C GLU A 236 -20.85 -7.36 -8.87
N PRO A 237 -19.71 -8.05 -8.93
CA PRO A 237 -18.70 -7.72 -9.94
C PRO A 237 -19.11 -8.17 -11.33
N ALA A 238 -18.43 -7.61 -12.32
CA ALA A 238 -18.64 -7.96 -13.72
C ALA A 238 -17.59 -8.93 -14.25
N PHE A 239 -16.53 -9.17 -13.51
CA PHE A 239 -15.46 -10.07 -13.92
C PHE A 239 -15.08 -10.97 -12.75
N LEU A 240 -14.84 -12.24 -13.03
CA LEU A 240 -14.56 -13.23 -12.01
C LEU A 240 -13.50 -14.21 -12.49
N ILE A 241 -12.59 -14.58 -11.59
CA ILE A 241 -11.60 -15.62 -11.83
C ILE A 241 -11.94 -16.80 -10.92
N THR A 242 -12.24 -17.94 -11.53
CA THR A 242 -12.64 -19.11 -10.76
C THR A 242 -11.42 -19.71 -10.06
N LYS A 243 -11.57 -20.00 -8.76
CA LYS A 243 -10.52 -20.68 -8.00
C LYS A 243 -10.86 -22.16 -7.85
N PRO A 244 -9.92 -23.08 -8.08
CA PRO A 244 -8.51 -22.89 -8.49
C PRO A 244 -8.39 -22.29 -9.88
N TYR A 245 -7.49 -21.33 -10.06
CA TYR A 245 -7.43 -20.59 -11.30
C TYR A 245 -6.63 -21.36 -12.36
N ARG A 246 -6.92 -21.04 -13.62
CA ARG A 246 -6.14 -21.47 -14.76
C ARG A 246 -5.50 -20.24 -15.39
N GLU A 247 -4.24 -20.37 -15.80
CA GLU A 247 -3.51 -19.27 -16.44
C GLU A 247 -4.35 -18.60 -17.52
N GLU A 248 -4.99 -19.41 -18.37
CA GLU A 248 -5.72 -18.88 -19.51
C GLU A 248 -6.92 -18.05 -19.06
N GLN A 249 -7.62 -18.49 -18.01
CA GLN A 249 -8.78 -17.75 -17.52
C GLN A 249 -8.39 -16.51 -16.74
N VAL A 250 -7.19 -16.49 -16.14
CA VAL A 250 -6.69 -15.25 -15.55
C VAL A 250 -6.33 -14.26 -16.65
N ARG A 251 -5.71 -14.74 -17.73
CA ARG A 251 -5.39 -13.86 -18.85
C ARG A 251 -6.64 -13.32 -19.52
N SER A 252 -7.67 -14.15 -19.65
CA SER A 252 -8.91 -13.70 -20.28
C SER A 252 -9.62 -12.67 -19.41
N ALA A 253 -9.64 -12.89 -18.10
CA ALA A 253 -10.29 -11.93 -17.20
C ALA A 253 -9.60 -10.58 -17.25
N VAL A 254 -8.27 -10.57 -17.07
CA VAL A 254 -7.53 -9.32 -17.06
C VAL A 254 -7.63 -8.62 -18.41
N SER A 255 -7.49 -9.37 -19.50
CA SER A 255 -7.57 -8.77 -20.83
C SER A 255 -8.97 -8.23 -21.11
N GLN A 256 -10.01 -8.92 -20.65
CA GLN A 256 -11.36 -8.43 -20.84
C GLN A 256 -11.64 -7.20 -19.97
N ALA A 257 -11.13 -7.20 -18.73
CA ALA A 257 -11.37 -6.07 -17.85
C ALA A 257 -10.52 -4.86 -18.25
N MET A 258 -9.25 -5.09 -18.61
CA MET A 258 -8.40 -4.02 -19.15
C MET A 258 -8.76 -3.70 -20.60
N PHE A 259 -10.06 -3.69 -20.89
CA PHE A 259 -10.63 -3.11 -22.10
C PHE A 259 -11.65 -2.03 -21.77
N PHE A 260 -12.37 -2.18 -20.65
CA PHE A 260 -13.22 -1.16 -20.08
C PHE A 260 -12.47 -0.24 -19.13
N ALA A 261 -11.16 -0.43 -18.98
CA ALA A 261 -10.34 0.49 -18.22
C ALA A 261 -10.01 1.72 -19.04
N SER A 262 -9.66 2.80 -18.35
CA SER A 262 -9.26 4.04 -19.01
C SER A 262 -7.75 4.21 -18.92
N GLN B 6 6.35 -28.75 -20.42
CA GLN B 6 6.39 -27.57 -19.57
C GLN B 6 6.41 -27.94 -18.09
N THR B 7 7.59 -27.82 -17.47
CA THR B 7 7.81 -28.17 -16.09
C THR B 7 8.24 -26.94 -15.32
N PHE B 8 8.09 -26.99 -13.99
CA PHE B 8 8.70 -26.00 -13.12
C PHE B 8 10.17 -25.78 -13.50
N ALA B 9 10.89 -26.88 -13.74
CA ALA B 9 12.32 -26.78 -14.03
C ALA B 9 12.58 -26.07 -15.35
N ASP B 10 11.70 -26.25 -16.33
CA ASP B 10 11.86 -25.51 -17.58
C ASP B 10 11.54 -24.03 -17.41
N ALA B 11 10.60 -23.71 -16.51
CA ALA B 11 10.21 -22.32 -16.31
C ALA B 11 11.33 -21.50 -15.68
N VAL B 12 12.20 -22.14 -14.88
CA VAL B 12 13.31 -21.39 -14.29
C VAL B 12 14.40 -21.14 -15.33
N ALA B 13 14.56 -22.05 -16.30
CA ALA B 13 15.52 -21.80 -17.37
C ALA B 13 15.02 -20.71 -18.32
N ALA B 14 13.70 -20.59 -18.47
CA ALA B 14 13.14 -19.55 -19.32
C ALA B 14 13.34 -18.17 -18.73
N SER B 15 13.61 -18.07 -17.42
CA SER B 15 13.89 -16.79 -16.78
C SER B 15 15.37 -16.47 -16.76
N LEU B 16 16.21 -17.30 -17.36
CA LEU B 16 17.64 -17.03 -17.42
C LEU B 16 17.98 -15.69 -18.05
N PRO B 17 17.39 -15.28 -19.18
CA PRO B 17 17.73 -13.94 -19.72
C PRO B 17 17.36 -12.81 -18.78
N HIS B 18 16.28 -12.97 -18.00
CA HIS B 18 15.95 -11.96 -17.00
C HIS B 18 17.03 -11.86 -15.94
N LEU B 19 17.63 -13.00 -15.57
CA LEU B 19 18.70 -12.97 -14.57
C LEU B 19 19.99 -12.42 -15.17
N ARG B 20 20.24 -12.69 -16.45
CA ARG B 20 21.43 -12.15 -17.10
C ARG B 20 21.41 -10.63 -17.05
N ARG B 21 20.27 -10.02 -17.37
CA ARG B 21 20.14 -8.56 -17.30
C ARG B 21 20.44 -8.06 -15.89
N TYR B 22 19.82 -8.67 -14.88
CA TYR B 22 20.01 -8.23 -13.51
C TYR B 22 21.45 -8.43 -13.05
N ALA B 23 22.09 -9.51 -13.49
CA ALA B 23 23.48 -9.75 -13.11
C ALA B 23 24.43 -8.82 -13.85
N ARG B 24 24.16 -8.56 -15.13
CA ARG B 24 25.00 -7.64 -15.89
C ARG B 24 24.99 -6.25 -15.28
N ALA B 25 23.85 -5.83 -14.75
CA ALA B 25 23.75 -4.50 -14.17
C ALA B 25 24.52 -4.39 -12.87
N LEU B 26 24.41 -5.41 -12.00
CA LEU B 26 25.10 -5.37 -10.72
C LEU B 26 26.61 -5.42 -10.87
N THR B 27 27.11 -6.10 -11.92
CA THR B 27 28.54 -6.22 -12.13
C THR B 27 29.10 -5.23 -13.14
N GLY B 28 28.25 -4.61 -13.96
CA GLY B 28 28.71 -3.64 -14.92
C GLY B 28 29.37 -4.21 -16.15
N GLU B 29 29.40 -5.53 -16.30
CA GLU B 29 30.01 -6.20 -17.44
C GLU B 29 29.08 -7.27 -17.97
N GLN B 30 29.13 -7.49 -19.28
CA GLN B 30 28.42 -8.63 -19.86
C GLN B 30 29.09 -9.94 -19.46
N ARG B 31 30.41 -10.01 -19.62
CA ARG B 31 31.15 -11.24 -19.33
C ARG B 31 30.88 -11.74 -17.92
N THR B 32 31.06 -10.87 -16.93
CA THR B 32 30.91 -11.30 -15.54
C THR B 32 29.45 -11.58 -15.19
N GLY B 33 28.52 -10.80 -15.76
CA GLY B 33 27.11 -11.02 -15.48
C GLY B 33 26.62 -12.33 -16.04
N ASP B 34 26.97 -12.64 -17.29
CA ASP B 34 26.54 -13.89 -17.90
C ASP B 34 27.15 -15.09 -17.20
N ALA B 35 28.41 -14.97 -16.75
CA ALA B 35 29.04 -16.05 -16.02
C ALA B 35 28.27 -16.39 -14.75
N ILE B 36 27.97 -15.37 -13.95
CA ILE B 36 27.26 -15.59 -12.68
C ILE B 36 25.86 -16.15 -12.95
N ALA B 37 25.18 -15.63 -13.98
CA ALA B 37 23.82 -16.10 -14.28
C ALA B 37 23.82 -17.57 -14.68
N ALA B 38 24.82 -18.01 -15.44
CA ALA B 38 24.88 -19.40 -15.86
C ALA B 38 25.15 -20.32 -14.68
N ARG B 39 26.13 -19.96 -13.84
CA ARG B 39 26.46 -20.80 -12.69
C ARG B 39 25.29 -20.93 -11.73
N THR B 40 24.43 -19.91 -11.64
CA THR B 40 23.26 -20.00 -10.78
C THR B 40 22.30 -21.07 -11.27
N LEU B 41 22.06 -21.12 -12.59
CA LEU B 41 21.19 -22.15 -13.14
C LEU B 41 21.85 -23.52 -13.08
N GLU B 42 23.16 -23.58 -13.32
CA GLU B 42 23.88 -24.84 -13.23
C GLU B 42 23.71 -25.49 -11.86
N GLY B 43 23.94 -24.71 -10.80
CA GLY B 43 23.79 -25.25 -9.45
C GLY B 43 22.36 -25.61 -9.10
N LEU B 44 21.39 -24.87 -9.65
CA LEU B 44 19.99 -25.20 -9.41
C LEU B 44 19.60 -26.50 -10.10
N ILE B 45 20.10 -26.70 -11.33
CA ILE B 45 19.86 -27.97 -12.03
C ILE B 45 20.57 -29.11 -11.32
N ALA B 46 21.86 -28.92 -11.01
CA ALA B 46 22.66 -29.96 -10.37
C ALA B 46 22.07 -30.42 -9.04
N ASP B 47 21.29 -29.56 -8.39
CA ASP B 47 20.65 -29.94 -7.14
C ASP B 47 19.58 -31.00 -7.40
N PRO B 48 19.64 -32.16 -6.74
CA PRO B 48 18.56 -33.15 -6.85
C PRO B 48 17.42 -32.95 -5.86
N SER B 49 17.59 -32.10 -4.85
CA SER B 49 16.54 -31.90 -3.86
C SER B 49 15.35 -31.16 -4.47
N VAL B 50 14.25 -31.14 -3.71
CA VAL B 50 12.97 -30.66 -4.23
C VAL B 50 12.30 -29.76 -3.18
N LEU B 51 12.89 -28.59 -2.92
CA LEU B 51 12.17 -27.55 -2.20
C LEU B 51 11.20 -26.85 -3.16
N GLU B 52 11.76 -26.06 -4.08
CA GLU B 52 11.09 -25.63 -5.31
C GLU B 52 9.77 -24.90 -5.09
N ARG B 53 8.68 -25.64 -4.93
CA ARG B 53 7.35 -25.03 -4.86
C ARG B 53 7.25 -23.91 -3.82
N ASP B 54 8.27 -23.74 -2.98
CA ASP B 54 8.40 -22.57 -2.12
C ASP B 54 8.06 -21.26 -2.84
N LEU B 55 8.58 -21.07 -4.05
CA LEU B 55 8.39 -19.81 -4.77
C LEU B 55 8.00 -20.07 -6.22
N GLU B 56 7.53 -18.99 -6.84
CA GLU B 56 7.33 -18.92 -8.28
C GLU B 56 8.66 -19.08 -9.01
N PRO B 57 8.68 -19.72 -10.19
CA PRO B 57 9.97 -20.04 -10.84
C PRO B 57 10.96 -18.89 -10.96
N ARG B 58 10.53 -17.73 -11.46
CA ARG B 58 11.45 -16.62 -11.64
C ARG B 58 12.03 -16.15 -10.31
N LEU B 59 11.17 -15.99 -9.30
CA LEU B 59 11.62 -15.53 -7.99
C LEU B 59 12.62 -16.51 -7.37
N MET B 60 12.45 -17.81 -7.62
CA MET B 60 13.37 -18.78 -7.06
C MET B 60 14.73 -18.74 -7.73
N LEU B 61 14.78 -18.45 -9.03
CA LEU B 61 16.06 -18.28 -9.71
C LEU B 61 16.78 -17.03 -9.21
N PHE B 62 16.04 -15.95 -8.98
CA PHE B 62 16.64 -14.73 -8.45
C PHE B 62 17.08 -14.92 -7.00
N ARG B 63 16.29 -15.66 -6.21
CA ARG B 63 16.69 -15.96 -4.84
C ARG B 63 17.96 -16.80 -4.82
N ALA B 64 18.07 -17.77 -5.73
CA ALA B 64 19.28 -18.57 -5.82
C ALA B 64 20.49 -17.70 -6.14
N PHE B 65 20.31 -16.71 -7.01
CA PHE B 65 21.37 -15.76 -7.31
C PHE B 65 21.82 -15.00 -6.06
N HIS B 66 20.85 -14.52 -5.29
CA HIS B 66 21.18 -13.69 -4.13
C HIS B 66 21.92 -14.47 -3.06
N ARG B 67 21.57 -15.76 -2.88
CA ARG B 67 22.26 -16.57 -1.87
C ARG B 67 23.75 -16.66 -2.16
N THR B 68 24.12 -16.73 -3.43
CA THR B 68 25.53 -16.72 -3.81
C THR B 68 26.09 -15.31 -3.86
N TRP B 69 25.25 -14.31 -4.17
CA TRP B 69 25.70 -12.93 -4.21
C TRP B 69 26.13 -12.45 -2.83
N ARG B 70 25.55 -13.00 -1.77
CA ARG B 70 25.91 -12.62 -0.41
C ARG B 70 27.21 -13.26 0.05
N ARG B 71 27.63 -14.37 -0.56
CA ARG B 71 28.92 -14.97 -0.24
C ARG B 71 30.06 -14.19 -0.86
N GLU B 72 29.95 -13.89 -2.15
CA GLU B 72 31.03 -13.23 -2.90
C GLU B 72 30.43 -12.50 -4.09
N GLY B 73 30.96 -11.32 -4.37
CA GLY B 73 30.55 -10.58 -5.54
C GLY B 73 31.10 -11.17 -6.82
N ALA B 74 32.11 -10.51 -7.39
CA ALA B 74 32.74 -11.00 -8.61
C ALA B 74 34.09 -10.32 -8.84
N ALA B 92 32.29 0.93 0.32
CA ALA B 92 31.14 1.13 1.20
C ALA B 92 30.48 2.47 0.93
N ARG B 93 30.83 3.07 -0.22
CA ARG B 93 30.19 4.31 -0.65
C ARG B 93 28.68 4.14 -0.74
N LEU B 94 28.23 3.13 -1.50
CA LEU B 94 26.81 2.79 -1.57
C LEU B 94 26.48 1.74 -0.53
N THR B 95 25.35 1.92 0.14
CA THR B 95 24.95 0.98 1.18
C THR B 95 24.62 -0.38 0.55
N PRO B 96 25.16 -1.48 1.07
CA PRO B 96 24.86 -2.79 0.49
C PRO B 96 23.37 -3.10 0.56
N ASN B 97 22.91 -3.95 -0.36
CA ASN B 97 21.56 -4.45 -0.53
C ASN B 97 20.63 -3.41 -1.13
N THR B 98 21.05 -2.15 -1.28
CA THR B 98 20.13 -1.10 -1.72
C THR B 98 20.01 -1.06 -3.24
N ARG B 99 21.14 -1.04 -3.95
CA ARG B 99 21.08 -1.09 -5.41
C ARG B 99 20.42 -2.37 -5.89
N GLU B 100 20.61 -3.47 -5.16
CA GLU B 100 20.00 -4.74 -5.55
C GLU B 100 18.48 -4.66 -5.50
N ALA B 101 17.92 -4.15 -4.39
CA ALA B 101 16.47 -4.04 -4.28
C ALA B 101 15.92 -3.02 -5.26
N LEU B 102 16.66 -1.93 -5.50
CA LEU B 102 16.19 -0.91 -6.43
C LEU B 102 16.11 -1.46 -7.86
N LEU B 103 17.15 -2.17 -8.30
CA LEU B 103 17.14 -2.74 -9.63
C LEU B 103 16.04 -3.79 -9.78
N LEU B 104 15.84 -4.61 -8.75
CA LEU B 104 14.72 -5.56 -8.76
C LEU B 104 13.39 -4.84 -8.92
N HIS B 105 13.24 -3.69 -8.26
CA HIS B 105 12.00 -2.94 -8.35
C HIS B 105 11.85 -2.28 -9.72
N ALA B 106 12.97 -1.82 -10.30
CA ALA B 106 12.89 -0.98 -11.49
C ALA B 106 12.80 -1.82 -12.76
N ILE B 107 13.66 -2.82 -12.90
CA ILE B 107 13.72 -3.55 -14.17
C ILE B 107 12.79 -4.75 -14.20
N GLU B 108 12.55 -5.41 -13.06
CA GLU B 108 11.66 -6.56 -13.01
C GLU B 108 10.26 -6.22 -12.52
N GLY B 109 10.07 -5.05 -11.92
CA GLY B 109 8.77 -4.66 -11.42
C GLY B 109 8.31 -5.38 -10.17
N PHE B 110 9.24 -5.99 -9.43
CA PHE B 110 8.88 -6.76 -8.24
C PHE B 110 8.36 -5.84 -7.15
N THR B 111 7.41 -6.35 -6.36
CA THR B 111 6.89 -5.62 -5.22
C THR B 111 7.79 -5.81 -4.01
N ALA B 112 7.46 -5.09 -2.93
CA ALA B 112 8.23 -5.23 -1.70
C ALA B 112 8.14 -6.65 -1.16
N GLN B 113 6.99 -7.30 -1.34
CA GLN B 113 6.85 -8.70 -0.91
C GLN B 113 7.74 -9.61 -1.74
N GLU B 114 7.71 -9.45 -3.07
CA GLU B 114 8.50 -10.32 -3.94
C GLU B 114 9.99 -10.09 -3.73
N ILE B 115 10.42 -8.83 -3.62
CA ILE B 115 11.81 -8.54 -3.32
C ILE B 115 12.19 -9.15 -1.97
N GLY B 116 11.29 -9.08 -1.00
CA GLY B 116 11.56 -9.68 0.31
C GLY B 116 11.75 -11.18 0.24
N ALA B 117 11.04 -11.85 -0.67
CA ALA B 117 11.22 -13.29 -0.84
C ALA B 117 12.55 -13.59 -1.52
N VAL B 118 12.91 -12.80 -2.53
CA VAL B 118 14.16 -13.04 -3.26
C VAL B 118 15.36 -12.86 -2.34
N MET B 119 15.37 -11.76 -1.57
CA MET B 119 16.48 -11.44 -0.68
C MET B 119 16.30 -12.03 0.72
N GLU B 120 15.16 -12.70 0.97
CA GLU B 120 14.90 -13.37 2.25
C GLU B 120 14.91 -12.38 3.41
N VAL B 121 14.26 -11.24 3.21
CA VAL B 121 14.09 -10.21 4.23
C VAL B 121 12.61 -9.87 4.32
N PRO B 122 12.18 -9.22 5.39
CA PRO B 122 10.78 -8.80 5.48
C PRO B 122 10.48 -7.77 4.41
N PRO B 123 9.20 -7.66 3.99
CA PRO B 123 8.85 -6.68 2.97
C PRO B 123 9.10 -5.25 3.41
N GLU B 124 8.91 -4.94 4.70
CA GLU B 124 9.23 -3.60 5.19
C GLU B 124 10.72 -3.32 5.08
N THR B 125 11.56 -4.34 5.24
CA THR B 125 12.99 -4.15 5.10
C THR B 125 13.38 -3.94 3.64
N ALA B 126 12.73 -4.65 2.73
CA ALA B 126 12.98 -4.45 1.31
C ALA B 126 12.62 -3.02 0.89
N ALA B 127 11.58 -2.46 1.50
CA ALA B 127 11.24 -1.06 1.22
C ALA B 127 12.34 -0.13 1.71
N ASP B 128 12.94 -0.43 2.86
CA ASP B 128 14.03 0.40 3.37
C ASP B 128 15.22 0.38 2.42
N PHE B 129 15.47 -0.78 1.80
CA PHE B 129 16.55 -0.85 0.80
C PHE B 129 16.26 0.07 -0.38
N ILE B 130 15.03 0.04 -0.88
CA ILE B 130 14.66 0.87 -2.02
C ILE B 130 14.74 2.35 -1.65
N ASP B 131 14.26 2.71 -0.46
CA ASP B 131 14.27 4.11 -0.04
C ASP B 131 15.70 4.61 0.15
N THR B 132 16.57 3.80 0.77
CA THR B 132 17.96 4.19 0.93
C THR B 132 18.66 4.32 -0.42
N ALA B 133 18.32 3.44 -1.37
CA ALA B 133 18.88 3.55 -2.70
C ALA B 133 18.45 4.84 -3.38
N LEU B 134 17.18 5.24 -3.21
CA LEU B 134 16.71 6.50 -3.77
C LEU B 134 17.34 7.69 -3.07
N ARG B 135 17.58 7.58 -1.76
CA ARG B 135 18.22 8.68 -1.03
C ARG B 135 19.65 8.89 -1.48
N GLU B 136 20.37 7.81 -1.76
CA GLU B 136 21.76 7.94 -2.21
C GLU B 136 21.84 8.40 -3.66
N MET B 137 20.79 8.13 -4.45
CA MET B 137 20.75 8.66 -5.81
C MET B 137 20.63 10.17 -5.83
N ALA B 138 19.94 10.75 -4.84
CA ALA B 138 19.84 12.20 -4.74
C ALA B 138 21.16 12.85 -4.36
N GLU B 139 22.10 12.08 -3.81
CA GLU B 139 23.40 12.61 -3.41
C GLU B 139 24.48 12.37 -4.46
N SER B 140 24.14 11.79 -5.60
CA SER B 140 25.14 11.40 -6.58
C SER B 140 25.81 12.62 -7.21
N VAL B 141 27.07 12.44 -7.59
CA VAL B 141 27.85 13.49 -8.25
C VAL B 141 27.43 13.59 -9.70
N ALA B 142 27.49 14.80 -10.25
CA ALA B 142 27.08 15.03 -11.63
C ALA B 142 28.04 14.37 -12.61
N GLY B 143 27.51 14.05 -13.79
CA GLY B 143 28.26 13.43 -14.86
C GLY B 143 27.73 13.86 -16.21
N ARG B 144 28.34 13.32 -17.26
CA ARG B 144 28.03 13.72 -18.63
C ARG B 144 27.49 12.53 -19.41
N VAL B 145 26.39 12.75 -20.13
CA VAL B 145 25.68 11.70 -20.86
C VAL B 145 25.42 12.17 -22.28
N MET B 146 25.70 11.32 -23.25
CA MET B 146 25.33 11.55 -24.65
C MET B 146 24.20 10.61 -25.04
N ILE B 147 23.25 11.12 -25.82
CA ILE B 147 22.09 10.36 -26.25
C ILE B 147 22.16 10.20 -27.77
N ILE B 148 22.13 8.97 -28.25
CA ILE B 148 22.03 8.66 -29.67
C ILE B 148 20.58 8.25 -29.92
N GLU B 149 19.83 9.09 -30.63
CA GLU B 149 18.39 8.90 -30.74
C GLU B 149 17.86 9.57 -32.01
N ASP B 150 17.02 8.85 -32.75
CA ASP B 150 16.43 9.39 -33.97
C ASP B 150 15.18 10.22 -33.65
N GLU B 151 14.17 9.59 -33.06
CA GLU B 151 12.94 10.27 -32.70
C GLU B 151 13.24 11.42 -31.75
N ALA B 152 13.06 12.66 -32.23
CA ALA B 152 13.37 13.83 -31.41
C ALA B 152 12.58 13.82 -30.12
N ILE B 153 11.34 13.35 -30.16
CA ILE B 153 10.49 13.38 -28.97
C ILE B 153 11.14 12.63 -27.83
N ILE B 154 11.45 11.34 -28.03
CA ILE B 154 12.06 10.53 -26.98
C ILE B 154 13.37 11.15 -26.51
N ALA B 155 14.17 11.68 -27.46
CA ALA B 155 15.43 12.30 -27.10
C ALA B 155 15.23 13.43 -26.10
N MET B 156 14.23 14.28 -26.32
CA MET B 156 13.96 15.37 -25.39
C MET B 156 13.50 14.85 -24.04
N ASP B 157 12.55 13.91 -24.05
CA ASP B 157 12.05 13.35 -22.81
C ASP B 157 13.16 12.72 -21.99
N ILE B 158 13.99 11.89 -22.63
CA ILE B 158 15.11 11.26 -21.94
C ILE B 158 16.05 12.33 -21.37
N ALA B 159 16.44 13.29 -22.22
CA ALA B 159 17.38 14.33 -21.79
C ALA B 159 16.82 15.12 -20.62
N ALA B 160 15.52 15.41 -20.62
CA ALA B 160 14.91 16.13 -19.50
C ALA B 160 15.06 15.35 -18.21
N ILE B 161 14.93 14.02 -18.26
CA ILE B 161 15.08 13.21 -17.06
C ILE B 161 16.53 13.21 -16.59
N VAL B 162 17.48 13.08 -17.52
CA VAL B 162 18.88 13.06 -17.15
C VAL B 162 19.31 14.40 -16.56
N ARG B 163 18.70 15.50 -17.01
CA ARG B 163 19.00 16.81 -16.43
C ARG B 163 18.44 16.93 -15.02
N GLU B 164 17.18 16.54 -14.83
CA GLU B 164 16.58 16.55 -13.49
C GLU B 164 17.38 15.69 -12.52
N MET B 165 18.02 14.64 -13.02
CA MET B 165 18.89 13.82 -12.18
C MET B 165 20.12 14.59 -11.70
N GLY B 166 20.47 15.69 -12.37
CA GLY B 166 21.65 16.45 -12.03
C GLY B 166 22.83 16.23 -12.95
N HIS B 167 22.69 15.39 -13.96
CA HIS B 167 23.73 15.17 -14.95
C HIS B 167 23.57 16.14 -16.11
N ARG B 168 24.64 16.30 -16.89
CA ARG B 168 24.64 17.18 -18.04
C ARG B 168 24.56 16.37 -19.33
N VAL B 169 23.70 16.81 -20.24
CA VAL B 169 23.55 16.16 -21.54
C VAL B 169 24.56 16.79 -22.49
N THR B 170 25.54 15.99 -22.91
CA THR B 170 26.56 16.48 -23.85
C THR B 170 25.92 16.91 -25.16
N GLY B 171 25.16 16.02 -25.79
CA GLY B 171 24.50 16.32 -27.04
C GLY B 171 23.59 15.17 -27.44
N ILE B 172 22.86 15.39 -28.51
CA ILE B 172 21.94 14.38 -29.05
C ILE B 172 22.41 14.05 -30.46
N ALA B 173 23.18 12.98 -30.60
CA ALA B 173 23.55 12.51 -31.93
C ALA B 173 22.35 11.80 -32.56
N ARG B 174 21.90 12.32 -33.70
CA ARG B 174 20.74 11.74 -34.37
C ARG B 174 21.10 10.59 -35.30
N THR B 175 22.39 10.34 -35.53
CA THR B 175 22.84 9.19 -36.30
C THR B 175 24.12 8.66 -35.68
N ARG B 176 24.41 7.38 -35.97
CA ARG B 176 25.60 6.76 -35.41
C ARG B 176 26.89 7.40 -35.92
N PHE B 177 26.87 7.90 -37.16
CA PHE B 177 28.02 8.65 -37.67
C PHE B 177 28.31 9.84 -36.79
N GLU B 178 27.28 10.63 -36.49
CA GLU B 178 27.51 11.83 -35.69
C GLU B 178 28.12 11.47 -34.34
N ALA B 179 27.59 10.43 -33.69
CA ALA B 179 27.99 10.07 -32.33
C ALA B 179 29.49 10.15 -32.12
N VAL B 180 30.28 9.63 -33.07
CA VAL B 180 31.73 9.67 -32.94
C VAL B 180 32.24 11.11 -32.97
N ARG B 181 31.61 11.97 -33.76
CA ARG B 181 32.00 13.37 -33.82
C ARG B 181 31.75 14.06 -32.49
N LEU B 182 30.54 13.92 -31.93
CA LEU B 182 30.24 14.60 -30.67
C LEU B 182 30.90 13.93 -29.47
N ALA B 183 31.33 12.67 -29.59
CA ALA B 183 32.12 12.08 -28.52
C ALA B 183 33.55 12.63 -28.52
N ARG B 184 34.03 13.07 -29.68
CA ARG B 184 35.34 13.71 -29.75
C ARG B 184 35.31 15.11 -29.14
N GLU B 185 34.24 15.86 -29.41
CA GLU B 185 34.18 17.26 -28.97
C GLU B 185 34.07 17.35 -27.46
N GLU B 186 33.14 16.59 -26.87
CA GLU B 186 33.05 16.46 -25.42
C GLU B 186 32.85 14.99 -25.10
N ARG B 187 33.87 14.33 -24.58
CA ARG B 187 33.77 12.92 -24.25
C ARG B 187 32.87 12.74 -23.04
N PRO B 188 31.73 12.06 -23.18
CA PRO B 188 30.86 11.82 -22.03
C PRO B 188 31.39 10.67 -21.18
N ASP B 189 30.79 10.49 -20.02
CA ASP B 189 31.03 9.32 -19.20
C ASP B 189 30.04 8.20 -19.49
N LEU B 190 29.08 8.44 -20.39
CA LEU B 190 27.92 7.56 -20.50
C LEU B 190 27.24 7.78 -21.84
N ILE B 191 26.85 6.69 -22.47
CA ILE B 191 26.12 6.73 -23.75
C ILE B 191 24.74 6.13 -23.53
N LEU B 192 23.72 6.81 -24.02
CA LEU B 192 22.38 6.27 -24.13
C LEU B 192 22.06 6.09 -25.62
N ALA B 193 21.72 4.86 -26.01
CA ALA B 193 21.60 4.53 -27.42
C ALA B 193 20.26 3.84 -27.70
N ASP B 194 19.63 4.26 -28.79
CA ASP B 194 18.41 3.63 -29.30
C ASP B 194 18.55 3.53 -30.81
N ILE B 195 18.78 2.33 -31.32
CA ILE B 195 19.00 2.12 -32.74
C ILE B 195 17.73 1.65 -33.44
N GLN B 196 16.58 1.78 -32.79
CA GLN B 196 15.28 1.42 -33.36
C GLN B 196 15.30 -0.03 -33.88
N LEU B 197 15.49 -0.95 -32.95
CA LEU B 197 15.52 -2.37 -33.25
C LEU B 197 14.13 -2.97 -33.11
N ALA B 198 13.82 -3.92 -33.98
CA ALA B 198 12.58 -4.67 -33.92
C ALA B 198 12.87 -6.13 -33.54
N ASP B 199 11.84 -6.97 -33.60
CA ASP B 199 11.96 -8.39 -33.30
C ASP B 199 12.51 -9.15 -34.51
N ASN B 200 13.68 -8.69 -34.99
CA ASN B 200 14.36 -9.22 -36.16
C ASN B 200 15.85 -9.28 -35.89
N SER B 201 16.57 -10.05 -36.71
CA SER B 201 18.01 -10.20 -36.53
C SER B 201 18.83 -9.22 -37.36
N SER B 202 18.21 -8.17 -37.88
CA SER B 202 18.93 -7.18 -38.69
C SER B 202 19.80 -6.28 -37.85
N GLY B 203 19.29 -5.80 -36.71
CA GLY B 203 20.01 -4.86 -35.88
C GLY B 203 21.02 -5.49 -34.95
N ILE B 204 21.64 -6.58 -35.39
CA ILE B 204 22.75 -7.15 -34.65
C ILE B 204 24.04 -6.42 -35.01
N ASP B 205 24.22 -6.12 -36.29
CA ASP B 205 25.37 -5.35 -36.76
C ASP B 205 25.46 -4.00 -36.07
N ALA B 206 24.31 -3.37 -35.77
CA ALA B 206 24.30 -2.02 -35.23
C ALA B 206 24.74 -1.99 -33.76
N VAL B 207 24.26 -2.93 -32.94
CA VAL B 207 24.63 -2.93 -31.53
C VAL B 207 26.11 -3.27 -31.37
N ASN B 208 26.67 -4.08 -32.27
CA ASN B 208 28.07 -4.47 -32.16
C ASN B 208 28.99 -3.30 -32.45
N GLU B 209 28.61 -2.43 -33.39
CA GLU B 209 29.45 -1.30 -33.75
C GLU B 209 29.48 -0.27 -32.62
N ILE B 210 28.32 0.05 -32.06
CA ILE B 210 28.27 1.04 -30.98
C ILE B 210 28.99 0.53 -29.74
N LEU B 211 28.88 -0.78 -29.46
CA LEU B 211 29.61 -1.34 -28.32
C LEU B 211 31.11 -1.31 -28.57
N ALA B 212 31.55 -1.57 -29.79
CA ALA B 212 32.97 -1.58 -30.08
C ALA B 212 33.56 -0.17 -30.12
N GLU B 213 32.79 0.78 -30.68
CA GLU B 213 33.27 2.16 -30.74
C GLU B 213 33.50 2.74 -29.35
N PHE B 214 32.49 2.68 -28.50
CA PHE B 214 32.55 3.24 -27.15
C PHE B 214 32.77 2.15 -26.10
N ALA B 215 33.75 1.28 -26.36
CA ALA B 215 34.00 0.15 -25.47
C ALA B 215 34.54 0.59 -24.11
N ASP B 216 35.19 1.75 -24.06
CA ASP B 216 35.72 2.26 -22.79
C ASP B 216 34.66 2.94 -21.95
N LEU B 217 33.44 3.10 -22.47
CA LEU B 217 32.35 3.80 -21.80
C LEU B 217 31.23 2.84 -21.43
N PRO B 218 30.51 3.09 -20.34
CA PRO B 218 29.25 2.38 -20.12
C PRO B 218 28.23 2.81 -21.16
N VAL B 219 27.53 1.83 -21.73
CA VAL B 219 26.57 2.07 -22.80
C VAL B 219 25.24 1.45 -22.41
N ILE B 220 24.22 2.30 -22.27
CA ILE B 220 22.85 1.85 -22.05
C ILE B 220 22.15 1.80 -23.40
N PHE B 221 21.35 0.74 -23.61
CA PHE B 221 20.63 0.55 -24.86
C PHE B 221 19.14 0.60 -24.59
N ILE B 222 18.45 1.53 -25.23
CA ILE B 222 17.00 1.58 -25.19
C ILE B 222 16.45 0.59 -26.21
N THR B 223 15.58 -0.30 -25.76
CA THR B 223 15.03 -1.32 -26.64
C THR B 223 13.66 -1.76 -26.13
N ALA B 224 12.78 -2.09 -27.07
CA ALA B 224 11.47 -2.64 -26.74
C ALA B 224 11.47 -4.16 -26.73
N PHE B 225 12.61 -4.80 -27.00
CA PHE B 225 12.73 -6.25 -27.03
C PHE B 225 14.01 -6.64 -26.33
N PRO B 226 14.07 -6.49 -25.01
CA PRO B 226 15.33 -6.74 -24.28
C PRO B 226 15.81 -8.17 -24.40
N GLU B 227 14.90 -9.13 -24.59
CA GLU B 227 15.29 -10.53 -24.64
C GLU B 227 16.27 -10.82 -25.78
N ARG B 228 16.22 -10.01 -26.84
CA ARG B 228 17.11 -10.23 -27.98
C ARG B 228 18.55 -9.87 -27.65
N LEU B 229 18.77 -8.99 -26.68
CA LEU B 229 20.10 -8.61 -26.23
C LEU B 229 20.50 -9.30 -24.94
N LEU B 230 19.86 -10.44 -24.63
CA LEU B 230 20.12 -11.19 -23.40
C LEU B 230 20.35 -12.66 -23.70
N THR B 231 20.86 -12.97 -24.89
CA THR B 231 21.07 -14.37 -25.27
C THR B 231 22.39 -14.93 -24.74
N GLY B 232 23.38 -14.07 -24.46
CA GLY B 232 24.67 -14.54 -24.05
C GLY B 232 25.49 -15.18 -25.15
N GLU B 233 25.12 -14.94 -26.41
CA GLU B 233 25.80 -15.53 -27.55
C GLU B 233 26.59 -14.53 -28.38
N ARG B 234 26.24 -13.25 -28.35
CA ARG B 234 26.95 -12.21 -29.06
C ARG B 234 27.43 -11.16 -28.07
N PRO B 235 28.29 -10.22 -28.47
CA PRO B 235 28.59 -9.09 -27.59
C PRO B 235 27.34 -8.23 -27.40
N GLU B 236 27.00 -7.99 -26.14
CA GLU B 236 25.73 -7.37 -25.78
C GLU B 236 25.96 -6.36 -24.66
N PRO B 237 25.05 -5.41 -24.50
CA PRO B 237 25.25 -4.37 -23.47
C PRO B 237 25.01 -4.91 -22.06
N ALA B 238 25.55 -4.17 -21.09
CA ALA B 238 25.36 -4.49 -19.69
C ALA B 238 24.23 -3.70 -19.04
N PHE B 239 23.65 -2.73 -19.75
CA PHE B 239 22.58 -1.90 -19.24
C PHE B 239 21.53 -1.70 -20.32
N LEU B 240 20.26 -1.77 -19.93
CA LEU B 240 19.15 -1.66 -20.86
C LEU B 240 18.05 -0.80 -20.27
N ILE B 241 17.39 -0.02 -21.13
CA ILE B 241 16.17 0.70 -20.77
C ILE B 241 15.05 0.15 -21.63
N THR B 242 14.04 -0.43 -20.98
CA THR B 242 12.92 -1.03 -21.70
C THR B 242 12.03 0.05 -22.29
N LYS B 243 11.69 -0.10 -23.57
CA LYS B 243 10.80 0.83 -24.26
C LYS B 243 9.40 0.23 -24.39
N PRO B 244 8.34 1.00 -24.11
CA PRO B 244 8.31 2.39 -23.63
C PRO B 244 8.87 2.53 -22.23
N TYR B 245 9.60 3.61 -21.95
CA TYR B 245 10.34 3.72 -20.71
C TYR B 245 9.43 4.08 -19.54
N ARG B 246 9.98 3.92 -18.34
CA ARG B 246 9.44 4.51 -17.13
C ARG B 246 10.53 5.38 -16.52
N GLU B 247 10.15 6.57 -16.05
CA GLU B 247 11.13 7.50 -15.48
C GLU B 247 12.03 6.81 -14.46
N GLU B 248 11.42 5.99 -13.59
CA GLU B 248 12.17 5.35 -12.52
C GLU B 248 13.22 4.39 -13.09
N GLN B 249 12.90 3.71 -14.18
CA GLN B 249 13.84 2.77 -14.77
C GLN B 249 14.92 3.48 -15.58
N VAL B 250 14.60 4.64 -16.15
CA VAL B 250 15.64 5.46 -16.78
C VAL B 250 16.61 5.96 -15.73
N ARG B 251 16.10 6.39 -14.58
CA ARG B 251 16.96 6.87 -13.50
C ARG B 251 17.77 5.74 -12.89
N SER B 252 17.21 4.53 -12.82
CA SER B 252 17.98 3.41 -12.28
C SER B 252 19.06 2.96 -13.25
N ALA B 253 18.76 2.96 -14.55
CA ALA B 253 19.75 2.56 -15.54
C ALA B 253 20.91 3.55 -15.58
N VAL B 254 20.60 4.85 -15.62
CA VAL B 254 21.64 5.86 -15.67
C VAL B 254 22.45 5.88 -14.37
N SER B 255 21.78 5.75 -13.22
CA SER B 255 22.49 5.75 -11.95
C SER B 255 23.38 4.53 -11.81
N GLN B 256 22.92 3.38 -12.32
CA GLN B 256 23.73 2.16 -12.22
C GLN B 256 24.92 2.20 -13.18
N ALA B 257 24.71 2.65 -14.41
CA ALA B 257 25.78 2.70 -15.37
C ALA B 257 26.79 3.80 -15.02
N MET B 258 26.31 4.93 -14.51
CA MET B 258 27.20 6.02 -14.10
C MET B 258 28.14 5.59 -12.99
N PHE B 259 27.77 4.57 -12.21
CA PHE B 259 28.65 4.09 -11.14
C PHE B 259 29.92 3.47 -11.71
N PHE B 260 29.81 2.80 -12.86
CA PHE B 260 30.96 2.19 -13.50
C PHE B 260 31.66 3.12 -14.49
N ALA B 261 31.23 4.38 -14.57
CA ALA B 261 31.93 5.37 -15.36
C ALA B 261 33.21 5.79 -14.64
N SER B 262 34.15 6.33 -15.42
CA SER B 262 35.43 6.76 -14.86
C SER B 262 35.48 8.29 -14.73
N MET C 4 -50.55 -5.21 6.70
CA MET C 4 -49.54 -5.20 5.64
C MET C 4 -48.17 -5.57 6.20
N PRO C 5 -47.65 -6.74 5.79
CA PRO C 5 -46.36 -7.21 6.32
C PRO C 5 -45.18 -6.82 5.45
N GLN C 6 -45.00 -7.49 4.30
CA GLN C 6 -43.92 -7.15 3.38
C GLN C 6 -43.93 -5.68 3.00
N THR C 7 -45.06 -5.00 3.19
CA THR C 7 -45.11 -3.56 2.95
C THR C 7 -44.35 -2.80 4.04
N PHE C 8 -44.65 -3.08 5.30
CA PHE C 8 -43.82 -2.55 6.39
C PHE C 8 -42.50 -3.30 6.42
N ALA C 9 -41.73 -3.18 5.34
CA ALA C 9 -40.47 -3.86 5.17
C ALA C 9 -39.72 -3.25 3.99
N ASP C 10 -40.45 -3.02 2.88
CA ASP C 10 -39.93 -2.21 1.79
C ASP C 10 -40.15 -0.72 2.03
N ALA C 11 -40.98 -0.37 3.01
CA ALA C 11 -41.07 1.01 3.47
C ALA C 11 -40.07 1.31 4.58
N VAL C 12 -39.67 0.28 5.34
CA VAL C 12 -38.52 0.42 6.23
C VAL C 12 -37.25 0.49 5.40
N ALA C 13 -37.19 -0.25 4.31
CA ALA C 13 -36.25 0.07 3.25
C ALA C 13 -36.69 1.35 2.55
N ALA C 14 -35.96 1.76 1.51
CA ALA C 14 -36.21 3.02 0.81
C ALA C 14 -36.02 4.23 1.72
N SER C 15 -36.12 4.02 3.03
CA SER C 15 -35.64 4.97 4.02
C SER C 15 -34.17 4.78 4.33
N LEU C 16 -33.55 3.72 3.80
CA LEU C 16 -32.13 3.49 4.02
C LEU C 16 -31.23 4.63 3.57
N PRO C 17 -31.44 5.27 2.41
CA PRO C 17 -30.58 6.42 2.08
C PRO C 17 -30.66 7.54 3.08
N HIS C 18 -31.82 7.74 3.71
CA HIS C 18 -31.93 8.75 4.76
C HIS C 18 -31.12 8.33 5.99
N LEU C 19 -31.08 7.04 6.30
CA LEU C 19 -30.28 6.58 7.42
C LEU C 19 -28.80 6.60 7.10
N ARG C 20 -28.44 6.30 5.85
CA ARG C 20 -27.03 6.38 5.44
C ARG C 20 -26.49 7.79 5.67
N ARG C 21 -27.25 8.81 5.26
CA ARG C 21 -26.85 10.19 5.49
C ARG C 21 -26.63 10.46 6.97
N TYR C 22 -27.62 10.10 7.80
CA TYR C 22 -27.52 10.36 9.24
C TYR C 22 -26.38 9.57 9.87
N ALA C 23 -26.16 8.34 9.40
CA ALA C 23 -25.06 7.54 9.94
C ALA C 23 -23.71 8.06 9.46
N ARG C 24 -23.62 8.48 8.20
CA ARG C 24 -22.37 9.05 7.70
C ARG C 24 -21.96 10.28 8.48
N ALA C 25 -22.93 11.12 8.84
CA ALA C 25 -22.62 12.36 9.57
C ALA C 25 -22.10 12.06 10.97
N LEU C 26 -22.70 11.09 11.64
CA LEU C 26 -22.30 10.80 13.02
C LEU C 26 -20.92 10.17 13.09
N THR C 27 -20.53 9.40 12.07
CA THR C 27 -19.22 8.75 12.07
C THR C 27 -18.16 9.49 11.27
N GLY C 28 -18.56 10.43 10.41
CA GLY C 28 -17.61 11.20 9.63
C GLY C 28 -16.99 10.49 8.46
N GLU C 29 -17.39 9.24 8.20
CA GLU C 29 -16.88 8.47 7.06
C GLU C 29 -18.06 7.89 6.30
N GLN C 30 -17.90 7.76 4.98
CA GLN C 30 -18.89 7.03 4.19
C GLN C 30 -18.87 5.55 4.54
N ARG C 31 -17.67 4.96 4.55
CA ARG C 31 -17.50 3.53 4.77
C ARG C 31 -18.22 3.06 6.04
N THR C 32 -17.89 3.67 7.18
CA THR C 32 -18.48 3.24 8.44
C THR C 32 -19.95 3.59 8.53
N GLY C 33 -20.37 4.71 7.92
CA GLY C 33 -21.77 5.09 7.96
C GLY C 33 -22.64 4.11 7.21
N ASP C 34 -22.26 3.77 5.97
CA ASP C 34 -23.03 2.82 5.18
C ASP C 34 -23.07 1.44 5.85
N ALA C 35 -21.94 1.03 6.44
CA ALA C 35 -21.89 -0.28 7.08
C ALA C 35 -22.89 -0.38 8.23
N ILE C 36 -22.97 0.66 9.05
CA ILE C 36 -23.90 0.63 10.19
C ILE C 36 -25.33 0.72 9.71
N ALA C 37 -25.60 1.57 8.71
CA ALA C 37 -26.95 1.68 8.18
C ALA C 37 -27.42 0.37 7.59
N ALA C 38 -26.56 -0.31 6.84
CA ALA C 38 -26.92 -1.61 6.25
C ALA C 38 -27.20 -2.63 7.34
N ARG C 39 -26.34 -2.70 8.35
CA ARG C 39 -26.52 -3.67 9.42
C ARG C 39 -27.79 -3.40 10.23
N THR C 40 -28.21 -2.14 10.31
CA THR C 40 -29.43 -1.83 11.03
C THR C 40 -30.66 -2.40 10.31
N LEU C 41 -30.70 -2.28 8.99
CA LEU C 41 -31.79 -2.87 8.23
C LEU C 41 -31.72 -4.39 8.24
N GLU C 42 -30.52 -4.95 8.12
CA GLU C 42 -30.33 -6.39 8.17
C GLU C 42 -30.94 -6.97 9.44
N GLY C 43 -30.62 -6.38 10.59
CA GLY C 43 -31.14 -6.88 11.85
C GLY C 43 -32.65 -6.75 11.96
N LEU C 44 -33.22 -5.66 11.44
CA LEU C 44 -34.66 -5.51 11.45
C LEU C 44 -35.34 -6.56 10.59
N ILE C 45 -34.75 -6.85 9.42
CA ILE C 45 -35.28 -7.90 8.56
C ILE C 45 -35.11 -9.27 9.21
N ALA C 46 -33.91 -9.54 9.73
CA ALA C 46 -33.62 -10.84 10.31
C ALA C 46 -34.50 -11.16 11.51
N ASP C 47 -35.05 -10.14 12.16
CA ASP C 47 -35.95 -10.37 13.29
C ASP C 47 -37.25 -11.01 12.79
N PRO C 48 -37.57 -12.24 13.19
CA PRO C 48 -38.81 -12.87 12.72
C PRO C 48 -40.06 -12.35 13.40
N SER C 49 -39.93 -11.72 14.57
CA SER C 49 -41.08 -11.16 15.25
C SER C 49 -41.56 -9.90 14.52
N VAL C 50 -42.56 -9.24 15.09
CA VAL C 50 -43.11 -8.04 14.49
C VAL C 50 -43.15 -6.91 15.50
N GLU C 52 -43.36 -3.85 15.80
CA GLU C 52 -43.60 -2.77 14.86
C GLU C 52 -44.84 -1.98 15.29
N ARG C 53 -45.65 -1.56 14.31
CA ARG C 53 -46.89 -0.81 14.55
C ARG C 53 -46.63 0.51 15.29
N ASP C 54 -45.81 0.45 16.35
CA ASP C 54 -45.45 1.59 17.18
C ASP C 54 -45.29 2.89 16.40
N LEU C 55 -44.40 2.88 15.40
CA LEU C 55 -43.99 4.10 14.71
C LEU C 55 -44.11 3.92 13.21
N GLU C 56 -44.05 5.06 12.51
CA GLU C 56 -43.99 5.06 11.07
C GLU C 56 -42.70 4.39 10.60
N PRO C 57 -42.67 3.87 9.37
CA PRO C 57 -41.47 3.14 8.90
C PRO C 57 -40.17 3.91 9.03
N ARG C 58 -40.16 5.19 8.64
CA ARG C 58 -38.97 6.02 8.80
C ARG C 58 -38.47 6.00 10.24
N LEU C 59 -39.33 6.43 11.18
CA LEU C 59 -38.91 6.56 12.57
C LEU C 59 -38.47 5.24 13.16
N MET C 60 -39.07 4.12 12.71
CA MET C 60 -38.69 2.82 13.26
C MET C 60 -37.27 2.44 12.86
N LEU C 61 -36.89 2.72 11.61
CA LEU C 61 -35.53 2.43 11.19
C LEU C 61 -34.52 3.29 11.93
N PHE C 62 -34.84 4.57 12.13
CA PHE C 62 -33.95 5.45 12.89
C PHE C 62 -33.91 5.05 14.36
N ARG C 63 -35.05 4.64 14.92
CA ARG C 63 -35.06 4.15 16.29
C ARG C 63 -34.23 2.88 16.43
N ALA C 64 -34.32 1.97 15.44
CA ALA C 64 -33.50 0.78 15.46
C ALA C 64 -32.02 1.12 15.46
N PHE C 65 -31.63 2.12 14.66
CA PHE C 65 -30.25 2.58 14.66
C PHE C 65 -29.81 3.03 16.04
N HIS C 66 -30.64 3.85 16.70
CA HIS C 66 -30.23 4.45 17.97
C HIS C 66 -30.06 3.40 19.07
N ARG C 67 -30.89 2.36 19.07
CA ARG C 67 -30.76 1.33 20.11
C ARG C 67 -29.42 0.61 20.01
N THR C 68 -28.86 0.49 18.81
CA THR C 68 -27.51 -0.04 18.66
C THR C 68 -26.45 1.02 18.88
N TRP C 69 -26.77 2.28 18.54
CA TRP C 69 -25.82 3.37 18.72
C TRP C 69 -25.49 3.58 20.20
N ARG C 70 -26.48 3.37 21.08
CA ARG C 70 -26.26 3.57 22.51
C ARG C 70 -25.44 2.46 23.13
N ARG C 71 -25.46 1.26 22.55
CA ARG C 71 -24.68 0.16 23.10
C ARG C 71 -23.20 0.28 22.74
N GLU C 72 -22.90 0.60 21.48
CA GLU C 72 -21.54 0.86 21.06
C GLU C 72 -21.56 1.93 20.00
N GLY C 73 -20.61 2.86 20.07
CA GLY C 73 -20.51 3.90 19.07
C GLY C 73 -19.93 3.40 17.76
N ALA C 74 -18.76 3.95 17.39
CA ALA C 74 -17.97 3.53 16.22
C ALA C 74 -18.79 2.99 15.05
N ALA C 92 -17.68 13.17 27.74
CA ALA C 92 -16.56 13.53 26.87
C ALA C 92 -16.60 15.00 26.47
N ARG C 93 -15.87 15.34 25.41
CA ARG C 93 -15.81 16.72 24.93
C ARG C 93 -17.20 17.24 24.61
N LEU C 94 -17.88 16.61 23.67
CA LEU C 94 -19.27 16.93 23.36
C LEU C 94 -20.20 16.08 24.22
N THR C 95 -21.29 16.68 24.68
CA THR C 95 -22.23 15.98 25.54
C THR C 95 -22.95 14.90 24.75
N PRO C 96 -23.03 13.67 25.26
CA PRO C 96 -23.69 12.60 24.51
C PRO C 96 -25.16 12.90 24.27
N ASN C 97 -25.68 12.35 23.16
CA ASN C 97 -27.05 12.42 22.68
C ASN C 97 -27.40 13.78 22.06
N THR C 98 -26.52 14.79 22.15
CA THR C 98 -26.89 16.13 21.70
C THR C 98 -26.69 16.29 20.19
N ARG C 99 -25.51 15.93 19.68
CA ARG C 99 -25.28 16.00 18.23
C ARG C 99 -26.27 15.11 17.47
N GLU C 100 -26.66 13.98 18.07
CA GLU C 100 -27.62 13.10 17.44
C GLU C 100 -28.98 13.79 17.28
N ALA C 101 -29.47 14.40 18.35
CA ALA C 101 -30.76 15.08 18.27
C ALA C 101 -30.70 16.30 17.36
N LEU C 102 -29.57 17.01 17.36
CA LEU C 102 -29.43 18.18 16.49
C LEU C 102 -29.48 17.78 15.02
N LEU C 103 -28.75 16.73 14.66
CA LEU C 103 -28.74 16.28 13.26
C LEU C 103 -30.10 15.74 12.84
N LEU C 104 -30.77 15.00 13.73
CA LEU C 104 -32.13 14.55 13.46
C LEU C 104 -33.05 15.73 13.20
N HIS C 105 -32.85 16.83 13.92
CA HIS C 105 -33.65 18.02 13.74
C HIS C 105 -33.27 18.78 12.48
N ALA C 106 -31.97 18.80 12.15
CA ALA C 106 -31.49 19.65 11.05
C ALA C 106 -31.66 18.99 9.69
N ILE C 107 -31.24 17.74 9.56
CA ILE C 107 -31.23 17.10 8.24
C ILE C 107 -32.53 16.36 7.94
N GLU C 108 -33.21 15.83 8.95
CA GLU C 108 -34.44 15.08 8.75
C GLU C 108 -35.69 15.91 9.06
N GLY C 109 -35.53 17.04 9.73
CA GLY C 109 -36.69 17.86 10.07
C GLY C 109 -37.60 17.28 11.11
N PHE C 110 -37.12 16.34 11.91
CA PHE C 110 -37.95 15.72 12.93
C PHE C 110 -38.29 16.71 14.03
N THR C 111 -39.51 16.59 14.56
CA THR C 111 -39.92 17.40 15.69
C THR C 111 -39.37 16.81 16.99
N ALA C 112 -39.55 17.56 18.09
CA ALA C 112 -39.13 17.06 19.39
C ALA C 112 -39.89 15.80 19.78
N GLN C 113 -41.12 15.65 19.30
CA GLN C 113 -41.87 14.42 19.54
C GLN C 113 -41.28 13.26 18.76
N GLU C 114 -40.97 13.48 17.48
CA GLU C 114 -40.40 12.42 16.66
C GLU C 114 -38.99 12.05 17.13
N ILE C 115 -38.17 13.06 17.44
CA ILE C 115 -36.84 12.78 17.99
C ILE C 115 -36.96 12.01 19.29
N GLY C 116 -37.91 12.39 20.14
CA GLY C 116 -38.13 11.66 21.37
C GLY C 116 -38.53 10.22 21.16
N ALA C 117 -39.28 9.94 20.08
CA ALA C 117 -39.63 8.57 19.76
C ALA C 117 -38.42 7.79 19.28
N VAL C 118 -37.57 8.42 18.47
CA VAL C 118 -36.42 7.73 17.90
C VAL C 118 -35.41 7.41 19.00
N MET C 119 -35.12 8.35 19.88
CA MET C 119 -34.18 8.16 20.96
C MET C 119 -34.83 7.63 22.24
N GLU C 120 -36.15 7.41 22.22
CA GLU C 120 -36.88 6.84 23.36
C GLU C 120 -36.74 7.71 24.60
N VAL C 121 -36.88 9.01 24.43
CA VAL C 121 -36.82 9.99 25.52
C VAL C 121 -38.06 10.87 25.43
N PRO C 122 -38.42 11.56 26.51
CA PRO C 122 -39.54 12.50 26.44
C PRO C 122 -39.26 13.62 25.47
N PRO C 123 -40.30 14.26 24.92
CA PRO C 123 -40.04 15.36 23.97
C PRO C 123 -39.31 16.53 24.59
N GLU C 124 -39.60 16.85 25.86
CA GLU C 124 -38.89 17.93 26.53
C GLU C 124 -37.41 17.60 26.69
N THR C 125 -37.09 16.32 26.91
CA THR C 125 -35.70 15.92 27.01
C THR C 125 -35.00 16.03 25.66
N ALA C 126 -35.70 15.68 24.58
CA ALA C 126 -35.13 15.84 23.24
C ALA C 126 -34.83 17.30 22.96
N ALA C 127 -35.67 18.22 23.46
CA ALA C 127 -35.38 19.64 23.31
C ALA C 127 -34.13 20.03 24.08
N ASP C 128 -33.92 19.45 25.26
CA ASP C 128 -32.70 19.71 26.01
C ASP C 128 -31.47 19.24 25.25
N PHE C 129 -31.59 18.14 24.49
CA PHE C 129 -30.48 17.69 23.67
C PHE C 129 -30.13 18.71 22.59
N ILE C 130 -31.16 19.28 21.95
CA ILE C 130 -30.92 20.25 20.89
C ILE C 130 -30.34 21.54 21.47
N ASP C 131 -30.85 21.98 22.62
CA ASP C 131 -30.36 23.21 23.23
C ASP C 131 -28.90 23.07 23.66
N THR C 132 -28.57 21.95 24.32
CA THR C 132 -27.20 21.73 24.74
C THR C 132 -26.26 21.63 23.55
N ALA C 133 -26.73 21.03 22.44
CA ALA C 133 -25.93 20.98 21.23
C ALA C 133 -25.64 22.39 20.72
N LEU C 134 -26.66 23.25 20.69
CA LEU C 134 -26.47 24.60 20.20
C LEU C 134 -25.57 25.41 21.13
N ARG C 135 -25.73 25.24 22.45
CA ARG C 135 -24.85 25.92 23.39
C ARG C 135 -23.39 25.52 23.16
N GLU C 136 -23.14 24.25 22.86
CA GLU C 136 -21.78 23.80 22.61
C GLU C 136 -21.27 24.27 21.26
N MET C 137 -22.18 24.50 20.29
CA MET C 137 -21.75 24.95 18.97
C MET C 137 -21.22 26.37 19.00
N ALA C 138 -21.68 27.18 19.96
CA ALA C 138 -21.18 28.54 20.08
C ALA C 138 -19.82 28.59 20.76
N GLU C 139 -19.43 27.55 21.47
CA GLU C 139 -18.13 27.48 22.12
C GLU C 139 -17.07 26.82 21.25
N SER C 140 -17.37 26.61 19.96
CA SER C 140 -16.46 25.89 19.09
C SER C 140 -15.22 26.72 18.77
N VAL C 141 -14.11 26.02 18.54
CA VAL C 141 -12.87 26.67 18.16
C VAL C 141 -12.93 27.06 16.69
N ALA C 142 -12.28 28.17 16.36
CA ALA C 142 -12.28 28.66 14.99
C ALA C 142 -11.50 27.72 14.08
N GLY C 143 -11.91 27.67 12.81
CA GLY C 143 -11.27 26.86 11.81
C GLY C 143 -11.31 27.57 10.47
N ARG C 144 -10.76 26.92 9.46
CA ARG C 144 -10.63 27.51 8.14
C ARG C 144 -11.45 26.72 7.13
N VAL C 145 -12.19 27.43 6.29
CA VAL C 145 -13.12 26.84 5.32
C VAL C 145 -12.84 27.43 3.95
N MET C 146 -12.84 26.58 2.93
CA MET C 146 -12.82 27.03 1.54
C MET C 146 -14.13 26.65 0.87
N ILE C 147 -14.63 27.55 0.03
CA ILE C 147 -15.89 27.36 -0.67
C ILE C 147 -15.61 27.16 -2.15
N ILE C 148 -16.23 26.15 -2.74
CA ILE C 148 -16.25 25.94 -4.18
C ILE C 148 -17.64 26.28 -4.65
N GLU C 149 -17.79 27.42 -5.32
CA GLU C 149 -19.12 27.91 -5.69
C GLU C 149 -19.00 28.81 -6.92
N ASP C 150 -19.88 28.60 -7.90
CA ASP C 150 -19.91 29.40 -9.10
C ASP C 150 -20.79 30.64 -8.93
N GLU C 151 -22.04 30.45 -8.53
CA GLU C 151 -22.95 31.58 -8.34
C GLU C 151 -22.46 32.45 -7.20
N ALA C 152 -22.19 33.72 -7.51
CA ALA C 152 -21.55 34.61 -6.55
C ALA C 152 -22.42 34.82 -5.31
N ILE C 153 -23.67 35.22 -5.51
CA ILE C 153 -24.52 35.62 -4.40
C ILE C 153 -24.77 34.47 -3.44
N ILE C 154 -24.80 33.23 -3.94
CA ILE C 154 -24.86 32.08 -3.05
C ILE C 154 -23.58 31.99 -2.22
N ALA C 155 -22.43 32.16 -2.87
CA ALA C 155 -21.16 32.12 -2.15
C ALA C 155 -21.06 33.23 -1.11
N MET C 156 -21.69 34.37 -1.37
CA MET C 156 -21.74 35.44 -0.38
C MET C 156 -22.50 34.99 0.87
N ASP C 157 -23.68 34.40 0.66
CA ASP C 157 -24.52 34.00 1.79
C ASP C 157 -23.86 32.89 2.60
N ILE C 158 -23.34 31.87 1.92
CA ILE C 158 -22.70 30.75 2.62
C ILE C 158 -21.53 31.24 3.45
N ALA C 159 -20.69 32.11 2.86
CA ALA C 159 -19.54 32.63 3.58
C ALA C 159 -19.96 33.46 4.78
N ALA C 160 -21.04 34.24 4.64
CA ALA C 160 -21.53 35.04 5.76
C ALA C 160 -21.91 34.15 6.94
N ILE C 161 -22.52 33.00 6.67
CA ILE C 161 -22.88 32.07 7.73
C ILE C 161 -21.62 31.51 8.39
N VAL C 162 -20.65 31.06 7.57
CA VAL C 162 -19.43 30.48 8.10
C VAL C 162 -18.67 31.50 8.95
N ARG C 163 -18.74 32.77 8.59
CA ARG C 163 -18.05 33.80 9.37
C ARG C 163 -18.79 34.10 10.68
N GLU C 164 -20.13 34.18 10.64
CA GLU C 164 -20.89 34.34 11.86
C GLU C 164 -20.69 33.16 12.81
N MET C 165 -20.38 31.98 12.26
CA MET C 165 -20.07 30.82 13.09
C MET C 165 -18.75 30.98 13.82
N GLY C 166 -17.91 31.92 13.41
CA GLY C 166 -16.60 32.11 14.01
C GLY C 166 -15.45 31.51 13.23
N HIS C 167 -15.71 30.94 12.07
CA HIS C 167 -14.68 30.35 11.22
C HIS C 167 -14.23 31.37 10.17
N ARG C 168 -13.07 31.10 9.58
CA ARG C 168 -12.49 31.96 8.55
C ARG C 168 -12.63 31.30 7.19
N VAL C 169 -13.09 32.07 6.20
CA VAL C 169 -13.21 31.59 4.83
C VAL C 169 -11.87 31.84 4.13
N THR C 170 -11.20 30.76 3.73
CA THR C 170 -9.92 30.89 3.03
C THR C 170 -10.10 31.60 1.70
N GLY C 171 -11.02 31.11 0.88
CA GLY C 171 -11.30 31.73 -0.40
C GLY C 171 -12.47 31.03 -1.06
N ILE C 172 -12.84 31.52 -2.24
CA ILE C 172 -13.91 30.94 -3.04
C ILE C 172 -13.32 30.53 -4.38
N ALA C 173 -13.06 29.25 -4.56
CA ALA C 173 -12.78 28.69 -5.88
C ALA C 173 -14.08 28.66 -6.68
N ARG C 174 -14.09 29.29 -7.84
CA ARG C 174 -15.28 29.27 -8.68
C ARG C 174 -15.35 28.03 -9.57
N THR C 175 -14.30 27.22 -9.61
CA THR C 175 -14.30 25.97 -10.34
C THR C 175 -13.45 24.95 -9.58
N ARG C 176 -13.66 23.67 -9.90
CA ARG C 176 -12.87 22.63 -9.22
C ARG C 176 -11.39 22.82 -9.47
N PHE C 177 -11.02 23.22 -10.69
CA PHE C 177 -9.61 23.44 -11.00
C PHE C 177 -8.98 24.44 -10.05
N GLU C 178 -9.65 25.58 -9.86
CA GLU C 178 -9.11 26.60 -8.95
C GLU C 178 -8.86 26.02 -7.57
N ALA C 179 -9.81 25.25 -7.04
CA ALA C 179 -9.76 24.72 -5.68
C ALA C 179 -8.39 24.19 -5.29
N VAL C 180 -7.73 23.48 -6.20
CA VAL C 180 -6.39 22.97 -5.92
C VAL C 180 -5.40 24.11 -5.77
N ARG C 181 -5.57 25.20 -6.53
CA ARG C 181 -4.72 26.37 -6.36
C ARG C 181 -4.85 26.94 -4.95
N LEU C 182 -6.07 27.36 -4.59
CA LEU C 182 -6.28 27.98 -3.28
C LEU C 182 -6.04 27.01 -2.12
N ALA C 183 -6.15 25.70 -2.36
CA ALA C 183 -5.83 24.75 -1.30
C ALA C 183 -4.34 24.69 -1.01
N ARG C 184 -3.51 24.94 -2.02
CA ARG C 184 -2.07 24.97 -1.82
C ARG C 184 -1.63 26.26 -1.14
N GLU C 185 -2.28 27.38 -1.46
CA GLU C 185 -1.88 28.67 -0.89
C GLU C 185 -2.22 28.74 0.59
N GLU C 186 -3.44 28.37 0.96
CA GLU C 186 -3.81 28.21 2.36
C GLU C 186 -4.66 26.95 2.47
N ARG C 187 -4.11 25.91 3.08
CA ARG C 187 -4.80 24.64 3.22
C ARG C 187 -5.89 24.75 4.28
N PRO C 188 -7.16 24.68 3.94
CA PRO C 188 -8.22 24.80 4.93
C PRO C 188 -8.37 23.50 5.72
N ASP C 189 -9.28 23.53 6.68
CA ASP C 189 -9.66 22.33 7.43
C ASP C 189 -10.91 21.66 6.86
N LEU C 190 -11.61 22.31 5.93
CA LEU C 190 -12.89 21.84 5.46
C LEU C 190 -13.22 22.54 4.14
N ILE C 191 -13.92 21.82 3.27
CA ILE C 191 -14.30 22.34 1.96
C ILE C 191 -15.81 22.22 1.79
N LEU C 192 -16.44 23.34 1.44
CA LEU C 192 -17.84 23.37 1.06
C LEU C 192 -17.92 23.44 -0.46
N ALA C 193 -18.66 22.51 -1.07
CA ALA C 193 -18.64 22.33 -2.51
C ALA C 193 -20.05 22.24 -3.06
N ASP C 194 -20.33 23.05 -4.09
CA ASP C 194 -21.56 22.98 -4.87
C ASP C 194 -21.15 22.98 -6.33
N ILE C 195 -21.27 21.83 -7.00
CA ILE C 195 -20.85 21.72 -8.38
C ILE C 195 -22.06 21.66 -9.30
N GLN C 196 -23.15 22.34 -8.90
CA GLN C 196 -24.34 22.50 -9.73
C GLN C 196 -24.87 21.16 -10.24
N LEU C 197 -25.11 20.25 -9.31
CA LEU C 197 -25.54 18.89 -9.65
C LEU C 197 -27.01 18.88 -10.08
N ALA C 198 -27.44 17.73 -10.59
CA ALA C 198 -28.81 17.55 -11.06
C ALA C 198 -29.15 16.06 -11.03
N ASP C 199 -30.40 15.74 -11.36
CA ASP C 199 -30.82 14.36 -11.56
C ASP C 199 -30.32 13.84 -12.91
N ASN C 200 -29.06 14.10 -13.25
CA ASN C 200 -28.57 13.84 -14.57
C ASN C 200 -27.65 12.63 -14.67
N SER C 201 -27.09 12.17 -13.56
CA SER C 201 -26.04 11.15 -13.55
C SER C 201 -24.85 11.55 -14.41
N SER C 202 -24.72 12.85 -14.72
CA SER C 202 -23.64 13.38 -15.54
C SER C 202 -22.47 13.88 -14.71
N GLY C 203 -22.72 14.76 -13.74
CA GLY C 203 -21.66 15.26 -12.88
C GLY C 203 -21.24 14.28 -11.80
N ILE C 204 -21.10 13.01 -12.18
CA ILE C 204 -20.70 11.99 -11.22
C ILE C 204 -19.20 12.04 -10.98
N ASP C 205 -18.41 11.95 -12.06
CA ASP C 205 -16.96 12.02 -11.94
C ASP C 205 -16.52 13.31 -11.28
N ALA C 206 -17.27 14.39 -11.46
CA ALA C 206 -17.00 15.59 -10.69
C ALA C 206 -16.93 15.25 -9.20
N VAL C 207 -17.99 14.65 -8.66
CA VAL C 207 -18.05 14.36 -7.22
C VAL C 207 -16.85 13.52 -6.79
N ASN C 208 -16.53 12.48 -7.55
CA ASN C 208 -15.40 11.62 -7.20
C ASN C 208 -14.08 12.39 -7.20
N GLU C 209 -13.96 13.41 -8.06
CA GLU C 209 -12.73 14.19 -8.13
C GLU C 209 -12.52 14.98 -6.85
N ILE C 210 -13.48 15.83 -6.47
CA ILE C 210 -13.33 16.61 -5.24
C ILE C 210 -13.13 15.69 -4.04
N LEU C 211 -13.73 14.50 -4.06
CA LEU C 211 -13.53 13.56 -2.96
C LEU C 211 -12.11 12.99 -2.97
N ALA C 212 -11.60 12.64 -4.16
CA ALA C 212 -10.27 12.04 -4.24
C ALA C 212 -9.18 13.06 -3.98
N GLU C 213 -9.33 14.27 -4.53
CA GLU C 213 -8.33 15.31 -4.34
C GLU C 213 -8.17 15.67 -2.87
N PHE C 214 -9.28 15.96 -2.20
CA PHE C 214 -9.27 16.37 -0.80
C PHE C 214 -9.71 15.23 0.12
N ALA C 215 -9.10 14.06 -0.06
CA ALA C 215 -9.51 12.88 0.69
C ALA C 215 -9.16 12.99 2.17
N ASP C 216 -8.11 13.73 2.50
CA ASP C 216 -7.72 13.91 3.89
C ASP C 216 -8.51 15.02 4.60
N LEU C 217 -9.38 15.71 3.89
CA LEU C 217 -10.20 16.79 4.43
C LEU C 217 -11.67 16.36 4.49
N PRO C 218 -12.41 16.81 5.50
CA PRO C 218 -13.87 16.70 5.45
C PRO C 218 -14.41 17.57 4.33
N VAL C 219 -15.30 17.00 3.50
CA VAL C 219 -15.85 17.69 2.35
C VAL C 219 -17.36 17.66 2.45
N ILE C 220 -17.98 18.83 2.53
CA ILE C 220 -19.43 18.97 2.49
C ILE C 220 -19.85 19.29 1.08
N PHE C 221 -20.92 18.65 0.61
CA PHE C 221 -21.45 18.88 -0.72
C PHE C 221 -22.83 19.50 -0.63
N ILE C 222 -23.00 20.67 -1.23
CA ILE C 222 -24.32 21.26 -1.40
C ILE C 222 -24.98 20.64 -2.62
N THR C 223 -26.21 20.15 -2.44
CA THR C 223 -26.91 19.50 -3.54
C THR C 223 -28.41 19.57 -3.29
N ALA C 224 -29.17 19.71 -4.37
CA ALA C 224 -30.62 19.70 -4.30
C ALA C 224 -31.21 18.31 -4.49
N PHE C 225 -30.37 17.30 -4.68
CA PHE C 225 -30.81 15.91 -4.88
C PHE C 225 -29.90 15.01 -4.04
N PRO C 226 -30.05 15.05 -2.71
CA PRO C 226 -29.15 14.27 -1.84
C PRO C 226 -29.24 12.77 -2.03
N GLU C 227 -30.41 12.24 -2.39
CA GLU C 227 -30.59 10.80 -2.56
C GLU C 227 -29.62 10.21 -3.58
N ARG C 228 -29.29 10.99 -4.62
CA ARG C 228 -28.36 10.50 -5.64
C ARG C 228 -26.97 10.26 -5.10
N LEU C 229 -26.60 10.92 -4.01
CA LEU C 229 -25.32 10.71 -3.35
C LEU C 229 -25.43 9.83 -2.11
N LEU C 230 -26.56 9.13 -1.94
CA LEU C 230 -26.77 8.26 -0.80
C LEU C 230 -26.99 6.81 -1.23
N THR C 231 -26.56 6.45 -2.43
CA THR C 231 -26.53 5.06 -2.88
C THR C 231 -25.15 4.50 -2.59
N GLY C 232 -25.06 3.64 -1.58
CA GLY C 232 -23.77 3.20 -1.09
C GLY C 232 -22.95 2.35 -2.05
N GLU C 233 -23.00 2.64 -3.35
CA GLU C 233 -22.30 1.85 -4.34
C GLU C 233 -21.16 2.60 -5.04
N ARG C 234 -21.10 3.93 -4.92
CA ARG C 234 -20.00 4.73 -5.41
C ARG C 234 -19.35 5.46 -4.26
N PRO C 235 -18.13 5.97 -4.44
CA PRO C 235 -17.55 6.86 -3.42
C PRO C 235 -18.37 8.15 -3.32
N GLU C 236 -18.81 8.45 -2.11
CA GLU C 236 -19.77 9.53 -1.87
C GLU C 236 -19.36 10.29 -0.63
N PRO C 237 -19.85 11.53 -0.46
CA PRO C 237 -19.46 12.32 0.70
C PRO C 237 -20.13 11.86 1.97
N ALA C 238 -19.56 12.29 3.10
CA ALA C 238 -20.11 12.03 4.42
C ALA C 238 -20.97 13.16 4.95
N PHE C 239 -20.90 14.35 4.34
CA PHE C 239 -21.65 15.51 4.78
C PHE C 239 -22.35 16.14 3.58
N LEU C 240 -23.60 16.53 3.76
CA LEU C 240 -24.41 17.10 2.68
C LEU C 240 -25.23 18.25 3.21
N ILE C 241 -25.35 19.31 2.40
CA ILE C 241 -26.24 20.43 2.68
C ILE C 241 -27.31 20.43 1.60
N THR C 242 -28.56 20.23 2.02
CA THR C 242 -29.66 20.19 1.07
C THR C 242 -29.93 21.56 0.48
N LYS C 243 -30.07 21.62 -0.84
CA LYS C 243 -30.45 22.85 -1.51
C LYS C 243 -31.93 22.79 -1.87
N PRO C 244 -32.72 23.84 -1.61
CA PRO C 244 -32.35 25.13 -0.98
C PRO C 244 -31.97 24.95 0.50
N TYR C 245 -30.97 25.66 0.96
CA TYR C 245 -30.43 25.43 2.30
C TYR C 245 -31.17 26.26 3.33
N ARG C 246 -31.05 25.81 4.58
CA ARG C 246 -31.53 26.55 5.74
C ARG C 246 -30.34 26.84 6.62
N GLU C 247 -30.30 28.05 7.19
CA GLU C 247 -29.18 28.49 8.03
C GLU C 247 -28.74 27.43 9.01
N GLU C 248 -29.71 26.86 9.73
CA GLU C 248 -29.40 25.89 10.78
C GLU C 248 -28.75 24.63 10.21
N GLN C 249 -29.23 24.16 9.06
CA GLN C 249 -28.66 22.95 8.47
C GLN C 249 -27.27 23.21 7.91
N VAL C 250 -27.00 24.43 7.44
CA VAL C 250 -25.63 24.79 7.07
C VAL C 250 -24.75 24.82 8.31
N ARG C 251 -25.27 25.36 9.41
CA ARG C 251 -24.49 25.40 10.65
C ARG C 251 -24.25 24.00 11.19
N SER C 252 -25.24 23.11 11.09
CA SER C 252 -25.07 21.75 11.60
C SER C 252 -24.06 20.98 10.76
N ALA C 253 -24.10 21.16 9.43
CA ALA C 253 -23.17 20.45 8.57
C ALA C 253 -21.73 20.91 8.82
N VAL C 254 -21.52 22.22 8.89
CA VAL C 254 -20.19 22.75 9.11
C VAL C 254 -19.66 22.34 10.48
N SER C 255 -20.50 22.48 11.51
CA SER C 255 -20.08 22.12 12.86
C SER C 255 -19.80 20.63 12.98
N GLN C 256 -20.57 19.80 12.28
CA GLN C 256 -20.33 18.37 12.31
C GLN C 256 -19.07 18.00 11.54
N ALA C 257 -18.88 18.58 10.36
CA ALA C 257 -17.69 18.26 9.57
C ALA C 257 -16.43 18.80 10.24
N MET C 258 -16.50 20.01 10.82
CA MET C 258 -15.35 20.59 11.48
C MET C 258 -14.87 19.75 12.67
N PHE C 259 -15.76 18.94 13.25
CA PHE C 259 -15.37 18.08 14.36
C PHE C 259 -14.39 16.99 13.92
N PHE C 260 -14.50 16.52 12.68
CA PHE C 260 -13.58 15.52 12.15
C PHE C 260 -12.40 16.13 11.42
N ALA C 261 -12.27 17.46 11.42
CA ALA C 261 -11.10 18.10 10.87
C ALA C 261 -9.95 18.05 11.86
N SER C 262 -8.75 18.24 11.34
CA SER C 262 -7.55 18.31 12.17
C SER C 262 -6.97 19.72 12.14
N THR D 7 2.41 -24.76 29.45
CA THR D 7 2.94 -23.80 28.48
C THR D 7 4.46 -23.76 28.51
N PHE D 8 5.02 -23.70 29.72
CA PHE D 8 6.46 -23.67 29.94
C PHE D 8 7.10 -22.40 29.37
N ALA D 9 6.28 -21.39 29.07
CA ALA D 9 6.75 -20.09 28.58
C ALA D 9 7.05 -19.12 29.71
N ASP D 10 7.48 -19.61 30.88
CA ASP D 10 8.05 -18.73 31.87
C ASP D 10 9.40 -18.18 31.43
N ALA D 11 10.05 -18.86 30.48
CA ALA D 11 11.34 -18.43 29.94
C ALA D 11 11.22 -17.28 28.95
N VAL D 12 10.05 -17.10 28.31
CA VAL D 12 9.87 -15.94 27.46
C VAL D 12 9.84 -14.68 28.31
N ALA D 13 9.23 -14.76 29.49
CA ALA D 13 9.47 -13.76 30.52
C ALA D 13 10.80 -14.06 31.20
N ALA D 14 11.17 -13.23 32.17
CA ALA D 14 12.51 -13.25 32.76
C ALA D 14 13.58 -12.90 31.72
N SER D 15 13.15 -12.78 30.45
CA SER D 15 13.89 -12.08 29.42
C SER D 15 13.27 -10.74 29.08
N LEU D 16 12.10 -10.44 29.66
CA LEU D 16 11.51 -9.12 29.51
C LEU D 16 12.44 -7.99 29.96
N PRO D 17 13.15 -8.08 31.10
CA PRO D 17 14.09 -6.99 31.43
C PRO D 17 15.16 -6.78 30.36
N HIS D 18 15.62 -7.86 29.75
CA HIS D 18 16.53 -7.74 28.62
C HIS D 18 15.88 -6.97 27.48
N LEU D 19 14.59 -7.22 27.24
CA LEU D 19 13.89 -6.52 26.17
C LEU D 19 13.60 -5.07 26.56
N ARG D 20 13.29 -4.83 27.83
CA ARG D 20 13.06 -3.47 28.29
C ARG D 20 14.30 -2.61 28.02
N ARG D 21 15.48 -3.13 28.31
CA ARG D 21 16.72 -2.42 28.02
C ARG D 21 16.84 -2.10 26.54
N TYR D 22 16.66 -3.12 25.69
CA TYR D 22 16.79 -2.93 24.24
C TYR D 22 15.74 -1.96 23.71
N ALA D 23 14.51 -2.05 24.23
CA ALA D 23 13.46 -1.14 23.77
C ALA D 23 13.68 0.28 24.28
N ARG D 24 14.16 0.42 25.52
CA ARG D 24 14.47 1.74 26.06
C ARG D 24 15.56 2.42 25.24
N ALA D 25 16.53 1.65 24.76
CA ALA D 25 17.64 2.23 24.01
C ALA D 25 17.19 2.71 22.64
N LEU D 26 16.31 1.96 21.98
CA LEU D 26 15.85 2.34 20.65
C LEU D 26 14.95 3.57 20.68
N THR D 27 14.18 3.75 21.76
CA THR D 27 13.27 4.87 21.86
C THR D 27 13.84 6.03 22.66
N GLY D 28 14.91 5.82 23.41
CA GLY D 28 15.50 6.88 24.19
C GLY D 28 14.71 7.32 25.40
N GLU D 29 13.67 6.57 25.78
CA GLU D 29 12.82 6.90 26.91
C GLU D 29 12.50 5.63 27.68
N GLN D 30 12.38 5.75 29.01
CA GLN D 30 11.98 4.61 29.80
C GLN D 30 10.51 4.27 29.57
N ARG D 31 9.65 5.29 29.59
CA ARG D 31 8.21 5.04 29.52
C ARG D 31 7.82 4.36 28.22
N THR D 32 8.34 4.84 27.10
CA THR D 32 7.97 4.25 25.81
C THR D 32 8.60 2.87 25.63
N GLY D 33 9.83 2.69 26.12
CA GLY D 33 10.48 1.40 25.99
C GLY D 33 9.80 0.33 26.82
N ASP D 34 9.41 0.66 28.05
CA ASP D 34 8.72 -0.31 28.89
C ASP D 34 7.33 -0.63 28.35
N ALA D 35 6.65 0.37 27.79
CA ALA D 35 5.32 0.13 27.23
C ALA D 35 5.39 -0.83 26.06
N ILE D 36 6.35 -0.62 25.15
CA ILE D 36 6.49 -1.50 24.00
C ILE D 36 6.94 -2.89 24.45
N ALA D 37 7.90 -2.94 25.38
CA ALA D 37 8.39 -4.23 25.87
C ALA D 37 7.27 -5.03 26.53
N ALA D 38 6.44 -4.37 27.33
CA ALA D 38 5.28 -5.04 27.90
C ALA D 38 4.38 -5.59 26.78
N ARG D 39 3.90 -4.70 25.91
CA ARG D 39 2.95 -5.09 24.87
C ARG D 39 3.44 -6.26 24.03
N THR D 40 4.77 -6.39 23.87
CA THR D 40 5.30 -7.52 23.11
C THR D 40 5.05 -8.84 23.84
N LEU D 41 5.20 -8.85 25.16
CA LEU D 41 4.95 -10.08 25.91
C LEU D 41 3.46 -10.40 25.96
N GLU D 42 2.62 -9.39 26.17
CA GLU D 42 1.18 -9.62 26.20
C GLU D 42 0.69 -10.29 24.93
N GLY D 43 1.15 -9.80 23.77
CA GLY D 43 0.72 -10.40 22.51
C GLY D 43 1.25 -11.81 22.33
N LEU D 44 2.47 -12.07 22.80
CA LEU D 44 3.02 -13.42 22.67
C LEU D 44 2.27 -14.41 23.55
N ILE D 45 1.87 -13.98 24.75
CA ILE D 45 1.10 -14.85 25.64
C ILE D 45 -0.33 -15.00 25.12
N ALA D 46 -0.91 -13.91 24.60
CA ALA D 46 -2.27 -13.97 24.09
C ALA D 46 -2.40 -14.89 22.89
N ASP D 47 -1.30 -15.10 22.16
CA ASP D 47 -1.28 -16.04 21.04
C ASP D 47 -1.45 -17.45 21.57
N PRO D 48 -2.48 -18.20 21.14
CA PRO D 48 -2.58 -19.60 21.56
C PRO D 48 -1.53 -20.50 20.93
N SER D 49 -0.94 -20.09 19.81
CA SER D 49 0.17 -20.78 19.14
C SER D 49 -0.29 -22.21 18.81
N VAL D 50 0.47 -23.24 19.18
CA VAL D 50 0.19 -24.62 18.81
C VAL D 50 0.09 -24.79 17.31
N ASP D 54 10.29 -21.18 16.38
CA ASP D 54 11.01 -22.45 16.55
C ASP D 54 12.44 -22.21 17.03
N LEU D 55 12.59 -21.30 17.99
CA LEU D 55 13.86 -20.75 18.45
C LEU D 55 13.88 -20.73 19.98
N GLU D 56 14.94 -20.15 20.54
CA GLU D 56 15.27 -20.02 21.96
C GLU D 56 14.46 -18.89 22.58
N PRO D 57 14.07 -19.02 23.86
CA PRO D 57 13.04 -18.10 24.40
C PRO D 57 13.37 -16.61 24.27
N ARG D 58 14.60 -16.23 24.62
CA ARG D 58 15.00 -14.83 24.50
C ARG D 58 14.92 -14.36 23.06
N LEU D 59 15.39 -15.18 22.12
CA LEU D 59 15.40 -14.78 20.71
C LEU D 59 13.99 -14.63 20.16
N MET D 60 13.05 -15.48 20.60
CA MET D 60 11.66 -15.33 20.14
C MET D 60 11.03 -14.06 20.66
N LEU D 61 11.32 -13.68 21.90
CA LEU D 61 10.77 -12.44 22.44
C LEU D 61 11.31 -11.23 21.70
N PHE D 62 12.61 -11.20 21.43
CA PHE D 62 13.18 -10.13 20.63
C PHE D 62 12.66 -10.18 19.20
N ARG D 63 12.44 -11.38 18.66
CA ARG D 63 11.88 -11.49 17.32
C ARG D 63 10.45 -10.96 17.27
N ALA D 64 9.67 -11.24 18.31
CA ALA D 64 8.32 -10.69 18.38
C ALA D 64 8.34 -9.17 18.44
N PHE D 65 9.34 -8.61 19.12
CA PHE D 65 9.50 -7.16 19.17
C PHE D 65 9.73 -6.58 17.79
N HIS D 66 10.67 -7.16 17.04
CA HIS D 66 11.04 -6.61 15.73
C HIS D 66 9.89 -6.67 14.74
N ARG D 67 9.05 -7.70 14.82
CA ARG D 67 7.89 -7.78 13.94
C ARG D 67 6.98 -6.56 14.11
N THR D 68 6.80 -6.11 15.36
CA THR D 68 6.01 -4.91 15.61
C THR D 68 6.82 -3.64 15.35
N TRP D 69 8.14 -3.70 15.55
CA TRP D 69 8.99 -2.55 15.28
C TRP D 69 8.96 -2.19 13.80
N ARG D 70 8.93 -3.19 12.92
CA ARG D 70 8.87 -2.92 11.49
C ARG D 70 7.57 -2.23 11.10
N ARG D 71 6.50 -2.49 11.83
CA ARG D 71 5.20 -1.87 11.51
C ARG D 71 5.22 -0.39 11.85
N GLU D 72 5.39 -0.06 13.14
CA GLU D 72 5.54 1.31 13.58
C GLU D 72 6.59 1.36 14.68
N GLY D 73 7.06 2.55 15.00
CA GLY D 73 8.11 2.71 15.98
C GLY D 73 7.70 3.46 17.22
N ALA D 74 8.08 4.74 17.29
CA ALA D 74 7.83 5.67 18.41
C ALA D 74 7.12 5.10 19.63
N ALA D 92 15.99 8.33 6.56
CA ALA D 92 16.32 9.37 7.53
C ALA D 92 17.83 9.53 7.66
N ARG D 93 18.25 10.28 8.69
CA ARG D 93 19.68 10.52 8.91
C ARG D 93 20.44 9.19 9.04
N LEU D 94 20.03 8.36 9.98
CA LEU D 94 20.64 7.05 10.17
C LEU D 94 19.92 6.02 9.31
N THR D 95 20.68 5.10 8.75
CA THR D 95 20.11 4.06 7.90
C THR D 95 19.28 3.11 8.75
N PRO D 96 18.03 2.81 8.38
CA PRO D 96 17.22 1.92 9.20
C PRO D 96 17.85 0.54 9.33
N ASN D 97 17.48 -0.16 10.41
CA ASN D 97 17.87 -1.51 10.78
C ASN D 97 19.31 -1.57 11.31
N THR D 98 20.10 -0.50 11.20
CA THR D 98 21.52 -0.60 11.55
C THR D 98 21.75 -0.42 13.05
N ARG D 99 21.16 0.62 13.65
CA ARG D 99 21.27 0.79 15.09
C ARG D 99 20.67 -0.39 15.84
N GLU D 100 19.60 -0.98 15.29
CA GLU D 100 19.00 -2.16 15.89
C GLU D 100 20.00 -3.32 15.95
N ALA D 101 20.58 -3.67 14.79
CA ALA D 101 21.52 -4.78 14.76
C ALA D 101 22.75 -4.50 15.60
N LEU D 102 23.23 -3.26 15.58
CA LEU D 102 24.42 -2.91 16.37
C LEU D 102 24.16 -3.10 17.86
N LEU D 103 23.00 -2.63 18.34
CA LEU D 103 22.69 -2.75 19.76
C LEU D 103 22.50 -4.21 20.15
N LEU D 104 21.77 -4.98 19.33
CA LEU D 104 21.65 -6.42 19.56
C LEU D 104 23.02 -7.08 19.66
N HIS D 105 23.97 -6.61 18.86
CA HIS D 105 25.32 -7.15 18.90
C HIS D 105 26.06 -6.70 20.16
N ALA D 106 25.79 -5.47 20.62
CA ALA D 106 26.61 -4.89 21.67
C ALA D 106 26.10 -5.25 23.06
N ILE D 107 24.82 -5.04 23.33
CA ILE D 107 24.31 -5.24 24.69
C ILE D 107 23.88 -6.69 24.95
N GLU D 108 23.37 -7.39 23.95
CA GLU D 108 22.98 -8.80 24.13
C GLU D 108 24.05 -9.78 23.70
N GLY D 109 25.03 -9.34 22.91
CA GLY D 109 26.08 -10.23 22.47
C GLY D 109 25.68 -11.21 21.40
N PHE D 110 24.57 -10.95 20.70
CA PHE D 110 24.12 -11.86 19.66
C PHE D 110 25.10 -11.87 18.49
N THR D 111 25.25 -13.04 17.87
CA THR D 111 26.05 -13.13 16.67
C THR D 111 25.21 -12.78 15.45
N ALA D 112 25.88 -12.71 14.29
CA ALA D 112 25.18 -12.36 13.05
C ALA D 112 24.10 -13.38 12.72
N GLN D 113 24.29 -14.64 13.10
CA GLN D 113 23.26 -15.66 12.91
C GLN D 113 22.06 -15.38 13.81
N GLU D 114 22.32 -15.12 15.09
CA GLU D 114 21.22 -14.84 16.01
C GLU D 114 20.49 -13.56 15.63
N ILE D 115 21.23 -12.50 15.30
CA ILE D 115 20.61 -11.25 14.87
C ILE D 115 19.77 -11.47 13.62
N GLY D 116 20.27 -12.30 12.69
CA GLY D 116 19.51 -12.60 11.50
C GLY D 116 18.21 -13.32 11.80
N ALA D 117 18.21 -14.17 12.82
CA ALA D 117 16.98 -14.85 13.20
C ALA D 117 15.98 -13.88 13.81
N VAL D 118 16.46 -12.97 14.67
CA VAL D 118 15.58 -11.99 15.32
C VAL D 118 14.96 -11.05 14.29
N MET D 119 15.79 -10.50 13.41
CA MET D 119 15.33 -9.55 12.40
C MET D 119 14.83 -10.23 11.14
N GLU D 120 14.92 -11.57 11.05
CA GLU D 120 14.43 -12.35 9.93
C GLU D 120 15.11 -11.93 8.62
N VAL D 121 16.43 -11.81 8.68
CA VAL D 121 17.26 -11.51 7.52
C VAL D 121 18.41 -12.52 7.49
N PRO D 122 19.09 -12.67 6.36
CA PRO D 122 20.25 -13.56 6.32
C PRO D 122 21.34 -13.05 7.23
N PRO D 123 22.21 -13.95 7.72
CA PRO D 123 23.28 -13.50 8.61
C PRO D 123 24.26 -12.55 7.93
N GLU D 124 24.52 -12.72 6.63
CA GLU D 124 25.38 -11.79 5.93
C GLU D 124 24.76 -10.40 5.85
N THR D 125 23.42 -10.33 5.79
CA THR D 125 22.74 -9.04 5.77
C THR D 125 22.81 -8.38 7.15
N ALA D 126 22.70 -9.18 8.22
CA ALA D 126 22.84 -8.64 9.56
C ALA D 126 24.23 -8.04 9.77
N ALA D 127 25.25 -8.66 9.19
CA ALA D 127 26.59 -8.08 9.24
C ALA D 127 26.64 -6.74 8.53
N ASP D 128 25.94 -6.63 7.39
CA ASP D 128 25.89 -5.35 6.68
C ASP D 128 25.25 -4.27 7.53
N PHE D 129 24.25 -4.64 8.34
CA PHE D 129 23.64 -3.66 9.24
C PHE D 129 24.66 -3.18 10.28
N ILE D 130 25.43 -4.10 10.85
CA ILE D 130 26.42 -3.72 11.87
C ILE D 130 27.53 -2.89 11.25
N ASP D 131 27.99 -3.26 10.05
CA ASP D 131 29.04 -2.50 9.39
C ASP D 131 28.58 -1.09 9.06
N THR D 132 27.37 -0.94 8.54
CA THR D 132 26.84 0.38 8.22
C THR D 132 26.62 1.21 9.47
N ALA D 133 26.22 0.57 10.58
CA ALA D 133 26.08 1.30 11.84
C ALA D 133 27.42 1.80 12.33
N LEU D 134 28.46 0.97 12.22
CA LEU D 134 29.80 1.42 12.61
C LEU D 134 30.32 2.50 11.69
N ARG D 135 29.95 2.46 10.40
CA ARG D 135 30.41 3.47 9.46
C ARG D 135 29.79 4.83 9.76
N GLU D 136 28.52 4.84 10.16
CA GLU D 136 27.85 6.09 10.50
C GLU D 136 28.28 6.63 11.86
N MET D 137 28.75 5.77 12.76
CA MET D 137 29.32 6.24 14.02
C MET D 137 30.61 7.02 13.78
N ALA D 138 31.39 6.61 12.78
CA ALA D 138 32.62 7.34 12.46
C ALA D 138 32.34 8.71 11.86
N GLU D 139 31.12 8.97 11.42
CA GLU D 139 30.73 10.25 10.84
C GLU D 139 29.96 11.12 11.82
N SER D 140 29.84 10.70 13.08
CA SER D 140 29.00 11.41 14.03
C SER D 140 29.59 12.78 14.37
N VAL D 141 28.70 13.72 14.67
CA VAL D 141 29.10 15.05 15.10
C VAL D 141 29.55 15.00 16.55
N ALA D 142 30.53 15.83 16.89
CA ALA D 142 31.09 15.83 18.24
C ALA D 142 30.09 16.39 19.24
N GLY D 143 30.23 15.95 20.49
CA GLY D 143 29.37 16.38 21.57
C GLY D 143 30.15 16.40 22.88
N ARG D 144 29.48 16.82 23.94
CA ARG D 144 30.09 16.99 25.25
C ARG D 144 29.55 15.95 26.22
N VAL D 145 30.45 15.34 27.00
CA VAL D 145 30.10 14.29 27.95
C VAL D 145 30.71 14.65 29.31
N MET D 146 29.93 14.47 30.37
CA MET D 146 30.43 14.55 31.73
C MET D 146 30.32 13.18 32.38
N ILE D 147 31.36 12.79 33.10
CA ILE D 147 31.44 11.49 33.75
C ILE D 147 31.31 11.68 35.26
N ILE D 148 30.50 10.84 35.89
CA ILE D 148 30.43 10.73 37.34
C ILE D 148 31.06 9.41 37.73
N GLU D 149 32.22 9.47 38.37
CA GLU D 149 32.99 8.25 38.63
C GLU D 149 33.93 8.49 39.80
N ASP D 150 33.99 7.52 40.70
CA ASP D 150 34.91 7.56 41.85
C ASP D 150 36.22 6.85 41.53
N GLU D 151 36.14 5.58 41.11
CA GLU D 151 37.34 4.82 40.80
C GLU D 151 38.07 5.44 39.62
N ALA D 152 39.31 5.87 39.83
CA ALA D 152 40.06 6.56 38.80
C ALA D 152 40.31 5.67 37.58
N ILE D 153 40.61 4.40 37.82
CA ILE D 153 40.96 3.50 36.71
C ILE D 153 39.80 3.37 35.73
N ILE D 154 38.57 3.38 36.24
CA ILE D 154 37.41 3.25 35.36
C ILE D 154 37.20 4.56 34.59
N ALA D 155 37.31 5.69 35.28
CA ALA D 155 37.17 6.99 34.63
C ALA D 155 38.16 7.16 33.50
N MET D 156 39.37 6.60 33.63
CA MET D 156 40.33 6.64 32.54
C MET D 156 39.81 5.92 31.31
N ASP D 157 39.50 4.62 31.47
CA ASP D 157 39.08 3.81 30.33
C ASP D 157 37.85 4.38 29.66
N ILE D 158 36.88 4.87 30.44
CA ILE D 158 35.66 5.44 29.88
C ILE D 158 35.99 6.71 29.10
N ALA D 159 36.76 7.62 29.72
CA ALA D 159 37.06 8.89 29.07
C ALA D 159 37.89 8.69 27.81
N ALA D 160 38.84 7.73 27.84
CA ALA D 160 39.67 7.48 26.67
C ALA D 160 38.82 7.04 25.48
N ILE D 161 37.77 6.25 25.74
CA ILE D 161 36.90 5.80 24.66
C ILE D 161 36.06 6.96 24.14
N VAL D 162 35.56 7.80 25.04
CA VAL D 162 34.74 8.94 24.64
C VAL D 162 35.56 9.93 23.81
N ARG D 163 36.86 10.05 24.11
CA ARG D 163 37.71 10.93 23.33
C ARG D 163 37.99 10.33 21.95
N GLU D 164 38.37 9.05 21.91
CA GLU D 164 38.61 8.37 20.65
C GLU D 164 37.40 8.42 19.75
N MET D 165 36.20 8.49 20.33
CA MET D 165 34.97 8.62 19.56
C MET D 165 34.85 9.98 18.89
N GLY D 166 35.61 10.97 19.33
CA GLY D 166 35.49 12.32 18.84
C GLY D 166 34.68 13.26 19.70
N HIS D 167 34.23 12.80 20.86
CA HIS D 167 33.50 13.65 21.79
C HIS D 167 34.46 14.26 22.82
N ARG D 168 34.00 15.34 23.46
CA ARG D 168 34.80 16.02 24.47
C ARG D 168 34.27 15.70 25.86
N VAL D 169 35.19 15.43 26.78
CA VAL D 169 34.84 15.16 28.17
C VAL D 169 34.85 16.50 28.91
N THR D 170 33.68 16.94 29.36
CA THR D 170 33.60 18.18 30.12
C THR D 170 34.42 18.10 31.39
N GLY D 171 34.14 17.10 32.22
CA GLY D 171 34.88 16.90 33.45
C GLY D 171 34.53 15.56 34.05
N ILE D 172 35.19 15.25 35.16
CA ILE D 172 34.94 14.02 35.91
C ILE D 172 34.55 14.45 37.32
N ALA D 173 33.25 14.39 37.61
CA ALA D 173 32.75 14.65 38.96
C ALA D 173 32.90 13.37 39.78
N ARG D 174 33.62 13.47 40.90
CA ARG D 174 33.87 12.29 41.71
C ARG D 174 32.67 11.90 42.56
N THR D 175 31.76 12.84 42.83
CA THR D 175 30.54 12.57 43.58
C THR D 175 29.35 13.10 42.79
N ARG D 176 28.16 12.59 43.14
CA ARG D 176 26.93 13.14 42.57
C ARG D 176 26.70 14.58 43.02
N PHE D 177 27.29 14.99 44.14
CA PHE D 177 27.16 16.37 44.60
C PHE D 177 28.00 17.30 43.74
N GLU D 178 29.19 16.86 43.32
CA GLU D 178 30.01 17.67 42.43
C GLU D 178 29.34 17.86 41.07
N ALA D 179 28.54 16.87 40.65
CA ALA D 179 28.01 16.86 39.29
C ALA D 179 27.24 18.14 38.96
N VAL D 180 26.43 18.63 39.90
CA VAL D 180 25.65 19.83 39.62
C VAL D 180 26.57 21.05 39.46
N ARG D 181 27.70 21.05 40.16
CA ARG D 181 28.67 22.14 39.99
C ARG D 181 29.25 22.16 38.59
N LEU D 182 29.78 21.01 38.14
CA LEU D 182 30.41 20.94 36.83
C LEU D 182 29.41 21.06 35.69
N ALA D 183 28.13 20.73 35.93
CA ALA D 183 27.12 20.95 34.91
C ALA D 183 26.82 22.42 34.71
N ARG D 184 26.95 23.23 35.77
CA ARG D 184 26.75 24.67 35.63
C ARG D 184 27.88 25.30 34.83
N GLU D 185 29.13 24.90 35.10
CA GLU D 185 30.27 25.49 34.40
C GLU D 185 30.21 25.22 32.91
N GLU D 186 30.14 23.95 32.53
CA GLU D 186 29.90 23.57 31.14
C GLU D 186 28.81 22.51 31.11
N ARG D 187 27.64 22.88 30.61
CA ARG D 187 26.53 21.95 30.51
C ARG D 187 26.78 20.94 29.40
N PRO D 188 26.89 19.66 29.70
CA PRO D 188 27.14 18.66 28.66
C PRO D 188 25.85 18.30 27.94
N ASP D 189 25.98 17.45 26.92
CA ASP D 189 24.84 16.88 26.22
C ASP D 189 24.46 15.51 26.76
N LEU D 190 25.25 14.96 27.67
CA LEU D 190 25.16 13.56 28.07
C LEU D 190 25.98 13.36 29.33
N ILE D 191 25.46 12.57 30.26
CA ILE D 191 26.16 12.28 31.52
C ILE D 191 26.31 10.77 31.66
N LEU D 192 27.54 10.34 31.91
CA LEU D 192 27.86 8.96 32.22
C LEU D 192 28.03 8.83 33.72
N ALA D 193 27.34 7.85 34.33
CA ALA D 193 27.25 7.79 35.78
C ALA D 193 27.51 6.36 36.27
N ASP D 194 28.37 6.25 37.29
CA ASP D 194 28.60 4.99 37.99
C ASP D 194 28.64 5.31 39.48
N ILE D 195 27.58 4.91 40.20
CA ILE D 195 27.46 5.23 41.61
C ILE D 195 27.66 3.98 42.47
N GLN D 196 28.35 2.97 41.94
CA GLN D 196 28.63 1.71 42.65
C GLN D 196 27.34 1.14 43.25
N LEU D 197 26.50 0.63 42.35
CA LEU D 197 25.13 0.27 42.72
C LEU D 197 25.09 -0.93 43.66
N ALA D 198 25.78 -2.01 43.29
CA ALA D 198 25.84 -3.26 44.06
C ALA D 198 24.49 -3.97 44.09
N ASP D 199 24.51 -5.29 44.29
CA ASP D 199 23.30 -6.11 44.27
C ASP D 199 22.51 -5.97 45.57
N ASN D 200 22.12 -4.73 45.87
CA ASN D 200 21.25 -4.45 46.99
C ASN D 200 20.19 -3.45 46.57
N SER D 201 19.21 -3.25 47.45
CA SER D 201 18.23 -2.18 47.28
C SER D 201 18.92 -0.84 47.51
N SER D 202 18.64 -0.21 48.65
CA SER D 202 19.43 0.92 49.17
C SER D 202 19.71 2.03 48.17
N GLY D 203 20.39 1.70 47.06
CA GLY D 203 20.81 2.70 46.10
C GLY D 203 19.75 3.08 45.08
N ILE D 204 18.49 3.20 45.51
CA ILE D 204 17.43 3.63 44.62
C ILE D 204 17.31 5.15 44.61
N ASP D 205 17.39 5.77 45.78
CA ASP D 205 17.29 7.22 45.85
C ASP D 205 18.48 7.90 45.17
N ALA D 206 19.59 7.20 45.01
CA ALA D 206 20.74 7.76 44.32
C ALA D 206 20.49 7.86 42.82
N VAL D 207 19.92 6.80 42.22
CA VAL D 207 19.62 6.86 40.79
C VAL D 207 18.49 7.85 40.52
N ASN D 208 17.56 7.99 41.46
CA ASN D 208 16.44 8.91 41.23
C ASN D 208 16.89 10.36 41.26
N GLU D 209 17.86 10.67 42.12
CA GLU D 209 18.41 12.02 42.16
C GLU D 209 19.05 12.37 40.82
N ILE D 210 19.98 11.52 40.36
CA ILE D 210 20.74 11.82 39.15
C ILE D 210 19.81 11.88 37.95
N LEU D 211 18.81 11.02 37.90
CA LEU D 211 17.83 11.07 36.81
C LEU D 211 17.01 12.36 36.89
N ALA D 212 16.64 12.78 38.11
CA ALA D 212 15.82 13.98 38.26
C ALA D 212 16.61 15.24 37.98
N GLU D 213 17.86 15.30 38.45
CA GLU D 213 18.68 16.48 38.22
C GLU D 213 18.86 16.76 36.73
N PHE D 214 19.30 15.76 35.98
CA PHE D 214 19.60 15.90 34.55
C PHE D 214 18.51 15.28 33.70
N ALA D 215 17.26 15.62 34.01
CA ALA D 215 16.13 14.98 33.34
C ALA D 215 16.05 15.35 31.87
N ASP D 216 16.48 16.56 31.50
CA ASP D 216 16.46 16.95 30.10
C ASP D 216 17.64 16.43 29.31
N LEU D 217 18.57 15.72 29.96
CA LEU D 217 19.73 15.16 29.31
C LEU D 217 19.66 13.64 29.29
N PRO D 218 20.19 13.00 28.25
CA PRO D 218 20.34 11.54 28.30
C PRO D 218 21.38 11.15 29.34
N VAL D 219 21.04 10.13 30.14
CA VAL D 219 21.88 9.69 31.24
C VAL D 219 22.14 8.20 31.10
N ILE D 220 23.42 7.84 30.93
CA ILE D 220 23.85 6.45 30.91
C ILE D 220 24.33 6.07 32.28
N PHE D 221 23.99 4.87 32.73
CA PHE D 221 24.40 4.35 34.02
C PHE D 221 25.30 3.14 33.82
N ILE D 222 26.50 3.19 34.39
CA ILE D 222 27.37 2.02 34.43
C ILE D 222 26.97 1.18 35.63
N THR D 223 26.79 -0.12 35.41
CA THR D 223 26.40 -1.00 36.50
C THR D 223 26.80 -2.43 36.18
N ALA D 224 27.01 -3.21 37.22
CA ALA D 224 27.29 -4.63 37.11
C ALA D 224 26.05 -5.48 37.39
N PHE D 225 24.90 -4.85 37.63
CA PHE D 225 23.65 -5.55 37.91
C PHE D 225 22.52 -4.82 37.19
N PRO D 226 22.50 -4.90 35.85
CA PRO D 226 21.52 -4.09 35.10
C PRO D 226 20.08 -4.52 35.34
N GLU D 227 19.84 -5.79 35.68
CA GLU D 227 18.48 -6.27 35.90
C GLU D 227 17.76 -5.49 36.99
N ARG D 228 18.51 -4.97 37.97
CA ARG D 228 17.91 -4.23 39.07
C ARG D 228 17.36 -2.88 38.60
N LEU D 229 17.88 -2.34 37.51
CA LEU D 229 17.38 -1.09 36.93
C LEU D 229 16.46 -1.34 35.74
N LEU D 230 16.02 -2.59 35.55
CA LEU D 230 15.15 -2.94 34.44
C LEU D 230 13.81 -3.49 34.91
N THR D 231 13.38 -3.15 36.12
CA THR D 231 12.05 -3.47 36.61
C THR D 231 11.19 -2.21 36.45
N GLY D 232 10.26 -2.24 35.50
CA GLY D 232 9.44 -1.08 35.21
C GLY D 232 8.58 -0.62 36.37
N GLU D 233 9.19 -0.43 37.53
CA GLU D 233 8.51 -0.03 38.76
C GLU D 233 8.84 1.37 39.20
N ARG D 234 10.11 1.77 39.11
CA ARG D 234 10.60 3.07 39.51
C ARG D 234 11.12 3.83 38.30
N PRO D 235 11.36 5.13 38.43
CA PRO D 235 12.08 5.86 37.37
C PRO D 235 13.48 5.29 37.20
N GLU D 236 13.78 4.85 35.99
CA GLU D 236 15.00 4.12 35.69
C GLU D 236 15.60 4.68 34.41
N PRO D 237 16.91 4.50 34.20
CA PRO D 237 17.56 5.05 33.01
C PRO D 237 17.17 4.29 31.75
N ALA D 238 17.38 4.97 30.62
CA ALA D 238 17.12 4.38 29.30
C ALA D 238 18.38 3.82 28.65
N PHE D 239 19.56 4.10 29.21
CA PHE D 239 20.83 3.62 28.67
C PHE D 239 21.65 3.04 29.81
N LEU D 240 22.34 1.92 29.53
CA LEU D 240 23.12 1.22 30.53
C LEU D 240 24.39 0.67 29.90
N ILE D 241 25.51 0.82 30.62
CA ILE D 241 26.78 0.20 30.26
C ILE D 241 27.04 -0.88 31.29
N THR D 242 27.02 -2.14 30.85
CA THR D 242 27.21 -3.25 31.77
C THR D 242 28.68 -3.36 32.17
N LYS D 243 28.92 -3.62 33.45
CA LYS D 243 30.26 -3.81 33.98
C LYS D 243 30.47 -5.27 34.35
N PRO D 244 31.61 -5.89 33.96
CA PRO D 244 32.76 -5.32 33.25
C PRO D 244 32.42 -4.90 31.82
N TYR D 245 32.95 -3.73 31.45
CA TYR D 245 32.57 -3.09 30.21
C TYR D 245 33.39 -3.61 29.04
N ARG D 246 32.80 -3.54 27.86
CA ARG D 246 33.49 -3.80 26.60
C ARG D 246 33.45 -2.54 25.77
N GLU D 247 34.58 -2.19 25.15
CA GLU D 247 34.70 -0.91 24.47
C GLU D 247 33.61 -0.73 23.41
N GLU D 248 33.21 -1.82 22.75
CA GLU D 248 32.15 -1.72 21.74
C GLU D 248 30.83 -1.32 22.38
N GLN D 249 30.52 -1.89 23.55
CA GLN D 249 29.26 -1.57 24.21
C GLN D 249 29.29 -0.18 24.85
N VAL D 250 30.47 0.30 25.25
CA VAL D 250 30.59 1.70 25.65
C VAL D 250 30.34 2.61 24.46
N ARG D 251 30.83 2.21 23.29
CA ARG D 251 30.69 3.05 22.10
C ARG D 251 29.25 3.04 21.59
N SER D 252 28.58 1.89 21.69
CA SER D 252 27.18 1.85 21.29
C SER D 252 26.30 2.66 22.24
N ALA D 253 26.59 2.59 23.54
CA ALA D 253 25.78 3.32 24.52
C ALA D 253 25.91 4.83 24.31
N VAL D 254 27.15 5.32 24.21
CA VAL D 254 27.36 6.75 24.03
C VAL D 254 26.80 7.22 22.69
N SER D 255 27.02 6.45 21.63
CA SER D 255 26.50 6.85 20.33
C SER D 255 24.99 6.83 20.30
N GLN D 256 24.37 5.88 21.02
CA GLN D 256 22.91 5.83 21.05
C GLN D 256 22.34 6.96 21.91
N ALA D 257 22.94 7.22 23.07
CA ALA D 257 22.44 8.28 23.93
C ALA D 257 22.69 9.66 23.33
N MET D 258 23.83 9.84 22.65
CA MET D 258 24.12 11.11 22.01
C MET D 258 23.15 11.43 20.88
N PHE D 259 22.47 10.41 20.34
CA PHE D 259 21.48 10.66 19.30
C PHE D 259 20.26 11.40 19.84
N PHE D 260 19.89 11.14 21.09
CA PHE D 260 18.75 11.81 21.71
C PHE D 260 19.15 13.08 22.45
N ALA D 261 20.43 13.48 22.38
CA ALA D 261 20.85 14.74 22.95
C ALA D 261 20.33 15.90 22.11
N SER D 262 20.20 17.06 22.74
CA SER D 262 19.61 18.22 22.08
C SER D 262 20.66 19.29 21.75
#